data_4W1X
#
_entry.id   4W1X
#
_cell.length_a   62.000
_cell.length_b   66.000
_cell.length_c   204.000
_cell.angle_alpha   90.000
_cell.angle_beta   90.000
_cell.angle_gamma   90.000
#
_symmetry.space_group_name_H-M   'P 21 21 21'
#
loop_
_entity.id
_entity.type
_entity.pdbx_description
1 polymer 'Adenosylmethionine-8-amino-7-oxononanoate aminotransferase'
2 non-polymer "PYRIDOXAL-5'-PHOSPHATE"
3 non-polymer 1,2-ETHANEDIOL
4 non-polymer DI(HYDROXYETHYL)ETHER
5 non-polymer 1-{4-[4-(3-chlorobenzoyl)piperazin-1-yl]phenyl}ethanone
6 water water
#
_entity_poly.entity_id   1
_entity_poly.type   'polypeptide(L)'
_entity_poly.pdbx_seq_one_letter_code
;MGSSHHHHHHSSGLVPRGSHMAAATGGLTPEQIIAVDGAHLWHPYSSIGREAVSPVVAVAAHGAWLTLIRDGQPIEVLDA
MSSWWTAIHGHGHPALDQALTTQLRVMNHVMFGGLTHEPAARLAKLLVDITPAGLDTVFFSDSGSVSVEVAAKMALQYWR
GRGLPGKRRLMTWRGGYHGDTFLAMSICDPHGGMHSLWTDVLAAQVFAPQVPRDYDPAYSAAFEAQLAQHAGELAAVVVE
PVVQGAGGMRFHDPRYLHDLRDICRRYEVLLIFDEIATGFGRTGALFAADHAGVSPDIMCVGKALTGGYLSLAATLCTAD
VAHTISAGAAGALMHGPTFMANPLACAVSVASVELLLGQDWRTRITELAAGLTAGLDTARALPAVTDVRVCGAIGVIECD
RPVDLAVATPAALDRGVWLRPFRNLVYAMPPYICTPAEITQITSAMVEVARLVGSLP
;
_entity_poly.pdbx_strand_id   A,B
#
# COMPACT_ATOMS: atom_id res chain seq x y z
N LEU A 28 -6.63 5.72 26.52
CA LEU A 28 -5.34 6.33 26.96
C LEU A 28 -5.47 7.83 27.09
N THR A 29 -4.75 8.40 28.07
CA THR A 29 -4.69 9.84 28.21
C THR A 29 -3.72 10.37 27.15
N PRO A 30 -3.81 11.66 26.80
CA PRO A 30 -2.80 12.22 25.89
C PRO A 30 -1.36 11.91 26.33
N GLU A 31 -1.08 12.00 27.63
CA GLU A 31 0.25 11.68 28.16
C GLU A 31 0.68 10.22 27.96
N GLN A 32 -0.26 9.29 28.11
CA GLN A 32 0.04 7.88 27.91
C GLN A 32 0.28 7.58 26.43
N ILE A 33 -0.41 8.31 25.56
CA ILE A 33 -0.27 8.17 24.12
C ILE A 33 1.13 8.61 23.72
N ILE A 34 1.54 9.77 24.23
CA ILE A 34 2.87 10.29 23.96
C ILE A 34 3.94 9.30 24.43
N ALA A 35 3.75 8.71 25.61
CA ALA A 35 4.71 7.76 26.16
C ALA A 35 4.83 6.52 25.29
N VAL A 36 3.69 5.99 24.84
CA VAL A 36 3.68 4.80 24.01
C VAL A 36 4.32 5.14 22.67
N ASP A 37 3.89 6.27 22.10
CA ASP A 37 4.38 6.75 20.84
C ASP A 37 5.91 6.88 20.81
N GLY A 38 6.47 7.53 21.83
CA GLY A 38 7.91 7.77 21.88
C GLY A 38 8.72 6.49 21.93
N ALA A 39 8.18 5.49 22.61
CA ALA A 39 8.89 4.22 22.78
C ALA A 39 8.75 3.31 21.56
N HIS A 40 7.61 3.38 20.87
CA HIS A 40 7.23 2.28 19.96
C HIS A 40 6.83 2.63 18.55
N LEU A 41 6.59 3.90 18.25
CA LEU A 41 6.00 4.24 16.95
C LEU A 41 6.94 5.01 16.03
N TRP A 42 7.18 4.46 14.84
CA TRP A 42 7.85 5.23 13.79
C TRP A 42 6.87 6.19 13.19
N HIS A 43 7.37 7.35 12.76
CA HIS A 43 6.58 8.31 11.98
C HIS A 43 7.17 8.47 10.61
N PRO A 44 6.48 9.18 9.69
CA PRO A 44 7.04 9.31 8.35
C PRO A 44 8.43 9.95 8.39
N TYR A 45 9.40 9.30 7.76
CA TYR A 45 10.75 9.86 7.66
C TYR A 45 11.30 10.32 9.01
N SER A 46 11.12 9.49 10.01
CA SER A 46 11.51 9.84 11.38
C SER A 46 12.52 8.86 11.99
N SER A 47 12.95 9.19 13.20
CA SER A 47 13.78 8.32 13.99
C SER A 47 12.92 7.67 15.05
N ILE A 48 13.53 6.79 15.83
CA ILE A 48 12.99 6.39 17.12
C ILE A 48 13.94 6.96 18.17
N GLY A 49 13.39 7.70 19.13
CA GLY A 49 14.18 8.22 20.25
C GLY A 49 15.01 9.45 19.97
N ARG A 50 15.00 9.94 18.73
CA ARG A 50 15.80 11.11 18.34
C ARG A 50 14.96 12.23 17.71
N GLU A 51 13.68 12.26 18.04
CA GLU A 51 12.77 13.28 17.51
C GLU A 51 12.97 14.62 18.22
N ALA A 52 13.17 15.67 17.44
CA ALA A 52 13.39 17.03 17.99
C ALA A 52 12.15 17.52 18.74
N VAL A 53 10.97 17.12 18.26
CA VAL A 53 9.70 17.47 18.91
C VAL A 53 8.83 16.21 19.04
N SER A 54 8.08 16.10 20.13
CA SER A 54 7.03 15.09 20.24
C SER A 54 5.97 15.38 19.19
N PRO A 55 5.33 14.32 18.64
CA PRO A 55 4.16 14.62 17.85
C PRO A 55 3.07 15.19 18.75
N VAL A 56 2.17 15.98 18.19
CA VAL A 56 1.04 16.51 18.94
C VAL A 56 -0.09 15.48 18.89
N VAL A 57 -0.74 15.23 20.03
CA VAL A 57 -1.85 14.27 20.06
C VAL A 57 -3.10 14.84 19.38
N ALA A 58 -3.64 14.09 18.42
CA ALA A 58 -4.88 14.45 17.78
C ALA A 58 -5.98 13.58 18.39
N VAL A 59 -7.08 14.21 18.79
CA VAL A 59 -8.16 13.49 19.45
C VAL A 59 -9.47 13.54 18.69
N ALA A 60 -9.56 14.40 17.68
CA ALA A 60 -10.77 14.52 16.86
C ALA A 60 -10.47 15.25 15.57
N ALA A 61 -11.31 15.02 14.57
CA ALA A 61 -11.29 15.78 13.33
C ALA A 61 -12.69 15.88 12.77
N HIS A 62 -13.15 17.10 12.52
CA HIS A 62 -14.50 17.35 12.01
C HIS A 62 -14.47 18.51 11.08
N GLY A 63 -14.96 18.31 9.86
CA GLY A 63 -14.91 19.35 8.82
C GLY A 63 -13.47 19.73 8.54
N ALA A 64 -13.22 21.04 8.45
CA ALA A 64 -11.89 21.55 8.18
C ALA A 64 -11.00 21.59 9.42
N TRP A 65 -11.51 21.08 10.55
CA TRP A 65 -10.90 21.30 11.87
C TRP A 65 -10.42 20.05 12.56
N LEU A 66 -9.24 20.16 13.17
CA LEU A 66 -8.68 19.10 14.00
C LEU A 66 -8.77 19.51 15.46
N THR A 67 -9.00 18.55 16.35
CA THR A 67 -8.87 18.81 17.79
C THR A 67 -7.57 18.22 18.28
N LEU A 68 -6.67 19.10 18.71
CA LEU A 68 -5.34 18.71 19.14
C LEU A 68 -5.17 19.03 20.62
N ILE A 69 -4.32 18.26 21.29
CA ILE A 69 -4.03 18.48 22.69
C ILE A 69 -2.80 19.36 22.81
N ARG A 70 -2.98 20.53 23.41
CA ARG A 70 -1.90 21.47 23.58
C ARG A 70 -1.87 21.89 25.05
N ASP A 71 -0.72 21.67 25.69
CA ASP A 71 -0.55 21.87 27.13
C ASP A 71 -1.71 21.27 27.92
N GLY A 72 -2.02 20.01 27.64
CA GLY A 72 -3.09 19.30 28.33
C GLY A 72 -4.51 19.73 28.00
N GLN A 73 -4.67 20.73 27.13
CA GLN A 73 -6.00 21.23 26.76
C GLN A 73 -6.30 20.99 25.28
N PRO A 74 -7.53 20.53 24.98
CA PRO A 74 -7.96 20.38 23.59
C PRO A 74 -8.18 21.72 22.90
N ILE A 75 -7.65 21.89 21.69
CA ILE A 75 -7.84 23.10 20.89
C ILE A 75 -8.26 22.75 19.46
N GLU A 76 -9.10 23.60 18.87
CA GLU A 76 -9.59 23.44 17.51
C GLU A 76 -8.72 24.21 16.54
N VAL A 77 -8.10 23.52 15.58
CA VAL A 77 -7.25 24.16 14.57
C VAL A 77 -7.61 23.73 13.14
N LEU A 78 -7.42 24.62 12.16
CA LEU A 78 -7.70 24.30 10.77
C LEU A 78 -6.67 23.31 10.18
N ASP A 79 -7.16 22.29 9.49
CA ASP A 79 -6.30 21.32 8.80
C ASP A 79 -5.86 21.90 7.45
N ALA A 80 -4.90 22.81 7.49
CA ALA A 80 -4.42 23.48 6.27
C ALA A 80 -3.72 22.55 5.26
N MET A 81 -3.25 21.40 5.74
CA MET A 81 -2.51 20.43 4.90
C MET A 81 -3.46 19.40 4.29
N SER A 82 -4.75 19.53 4.58
CA SER A 82 -5.72 18.48 4.26
C SER A 82 -5.21 17.11 4.66
N SER A 83 -4.48 17.05 5.78
CA SER A 83 -3.90 15.78 6.27
C SER A 83 -3.14 15.09 5.14
N TRP A 84 -2.16 15.82 4.61
CA TRP A 84 -1.27 15.38 3.53
C TRP A 84 -2.04 15.15 2.26
N TRP A 85 -2.80 16.17 1.83
CA TRP A 85 -3.50 16.20 0.54
C TRP A 85 -4.75 15.40 0.48
N THR A 86 -5.10 14.73 1.57
CA THR A 86 -6.15 13.71 1.50
C THR A 86 -7.57 14.26 1.72
N ALA A 87 -7.72 15.18 2.66
CA ALA A 87 -9.05 15.54 3.17
C ALA A 87 -9.73 16.64 2.36
N ILE A 88 -9.97 16.40 1.07
CA ILE A 88 -10.51 17.42 0.19
C ILE A 88 -11.91 17.92 0.58
N HIS A 89 -12.72 17.05 1.18
CA HIS A 89 -14.07 17.42 1.64
C HIS A 89 -14.11 17.66 3.14
N GLY A 90 -12.95 17.78 3.77
CA GLY A 90 -12.88 17.84 5.22
C GLY A 90 -13.16 16.49 5.85
N HIS A 91 -13.03 16.41 7.18
CA HIS A 91 -13.18 15.15 7.90
C HIS A 91 -14.59 14.97 8.34
N GLY A 92 -15.02 13.73 8.50
CA GLY A 92 -16.38 13.45 8.97
C GLY A 92 -17.46 14.14 8.16
N HIS A 93 -17.26 14.21 6.84
CA HIS A 93 -18.31 14.69 5.95
C HIS A 93 -19.45 13.72 5.96
N PRO A 94 -20.68 14.20 6.21
CA PRO A 94 -21.79 13.26 6.37
C PRO A 94 -21.94 12.27 5.20
N ALA A 95 -21.78 12.74 3.96
CA ALA A 95 -21.92 11.89 2.77
C ALA A 95 -20.89 10.76 2.76
N LEU A 96 -19.69 11.07 3.22
CA LEU A 96 -18.60 10.09 3.17
C LEU A 96 -18.70 9.12 4.35
N ASP A 97 -18.93 9.65 5.54
CA ASP A 97 -19.25 8.82 6.70
C ASP A 97 -20.37 7.85 6.35
N GLN A 98 -21.45 8.38 5.78
CA GLN A 98 -22.62 7.56 5.40
C GLN A 98 -22.25 6.48 4.39
N ALA A 99 -21.40 6.82 3.41
CA ALA A 99 -21.02 5.86 2.38
C ALA A 99 -20.25 4.69 2.98
N LEU A 100 -19.37 4.99 3.92
CA LEU A 100 -18.62 3.98 4.63
C LEU A 100 -19.53 3.06 5.46
N THR A 101 -20.38 3.66 6.31
CA THR A 101 -21.26 2.85 7.15
C THR A 101 -22.27 2.01 6.35
N THR A 102 -22.74 2.52 5.22
N THR A 102 -22.74 2.57 5.23
CA THR A 102 -23.69 1.72 4.42
CA THR A 102 -23.63 1.84 4.34
C THR A 102 -22.99 0.60 3.63
C THR A 102 -22.94 0.61 3.78
N GLN A 103 -21.73 0.80 3.23
CA GLN A 103 -20.96 -0.32 2.69
C GLN A 103 -20.62 -1.34 3.77
N LEU A 104 -20.26 -0.83 4.95
CA LEU A 104 -19.88 -1.68 6.08
C LEU A 104 -21.01 -2.65 6.43
N ARG A 105 -22.24 -2.17 6.24
CA ARG A 105 -23.44 -2.93 6.55
C ARG A 105 -23.58 -4.15 5.66
N VAL A 106 -23.06 -4.08 4.43
CA VAL A 106 -23.26 -5.15 3.46
C VAL A 106 -22.02 -6.00 3.18
N MET A 107 -20.87 -5.37 3.00
CA MET A 107 -19.65 -6.13 2.64
C MET A 107 -18.40 -5.32 2.96
N ASN A 108 -17.67 -5.74 3.98
CA ASN A 108 -16.44 -5.06 4.35
C ASN A 108 -15.35 -5.20 3.29
N HIS A 109 -15.14 -6.44 2.83
CA HIS A 109 -14.10 -6.78 1.88
C HIS A 109 -14.29 -8.18 1.38
N VAL A 110 -14.00 -8.41 0.09
CA VAL A 110 -13.81 -9.76 -0.48
C VAL A 110 -12.53 -9.75 -1.31
N MET A 111 -11.95 -10.92 -1.52
CA MET A 111 -10.77 -11.03 -2.39
C MET A 111 -11.14 -10.71 -3.82
N PHE A 112 -10.27 -9.97 -4.51
CA PHE A 112 -10.56 -9.60 -5.90
C PHE A 112 -10.11 -10.65 -6.92
N GLY A 113 -9.49 -11.73 -6.44
CA GLY A 113 -9.09 -12.83 -7.33
C GLY A 113 -10.28 -13.73 -7.61
N GLY A 114 -10.88 -13.61 -8.79
CA GLY A 114 -12.05 -14.41 -9.14
C GLY A 114 -13.39 -13.78 -8.80
N LEU A 115 -13.39 -12.71 -8.03
CA LEU A 115 -14.61 -12.01 -7.63
C LEU A 115 -14.55 -10.56 -8.06
N THR A 116 -15.72 -9.98 -8.32
CA THR A 116 -15.83 -8.55 -8.56
C THR A 116 -16.97 -7.98 -7.71
N HIS A 117 -17.12 -6.66 -7.69
CA HIS A 117 -18.19 -6.06 -6.88
C HIS A 117 -18.58 -4.68 -7.29
N GLU A 118 -19.72 -4.21 -6.77
CA GLU A 118 -20.30 -2.94 -7.16
C GLU A 118 -19.41 -1.73 -6.87
N PRO A 119 -18.82 -1.66 -5.65
CA PRO A 119 -17.96 -0.50 -5.39
C PRO A 119 -16.82 -0.40 -6.39
N ALA A 120 -16.18 -1.52 -6.74
CA ALA A 120 -15.08 -1.52 -7.71
C ALA A 120 -15.55 -1.10 -9.11
N ALA A 121 -16.69 -1.63 -9.53
CA ALA A 121 -17.23 -1.31 -10.86
C ALA A 121 -17.69 0.14 -10.93
N ARG A 122 -18.35 0.62 -9.88
CA ARG A 122 -18.83 2.01 -9.87
C ARG A 122 -17.64 2.97 -9.93
N LEU A 123 -16.62 2.69 -9.14
CA LEU A 123 -15.44 3.55 -9.10
C LEU A 123 -14.68 3.49 -10.41
N ALA A 124 -14.48 2.29 -10.95
CA ALA A 124 -13.81 2.14 -12.23
C ALA A 124 -14.53 2.89 -13.35
N LYS A 125 -15.86 2.78 -13.39
CA LYS A 125 -16.66 3.49 -14.38
C LYS A 125 -16.46 5.00 -14.26
N LEU A 126 -16.64 5.53 -13.06
CA LEU A 126 -16.41 6.94 -12.76
C LEU A 126 -15.01 7.37 -13.20
N LEU A 127 -14.01 6.62 -12.79
CA LEU A 127 -12.62 7.00 -13.08
C LEU A 127 -12.33 7.01 -14.56
N VAL A 128 -12.80 5.99 -15.28
CA VAL A 128 -12.62 5.95 -16.72
C VAL A 128 -13.30 7.15 -17.42
N ASP A 129 -14.45 7.58 -16.90
N ASP A 129 -14.47 7.54 -16.91
CA ASP A 129 -15.20 8.66 -17.55
CA ASP A 129 -15.24 8.66 -17.46
C ASP A 129 -14.79 10.09 -17.19
C ASP A 129 -14.53 10.01 -17.32
N ILE A 130 -13.99 10.26 -16.13
CA ILE A 130 -13.54 11.61 -15.74
C ILE A 130 -12.04 11.84 -15.96
N THR A 131 -11.29 10.78 -16.19
CA THR A 131 -9.86 10.92 -16.44
C THR A 131 -9.62 11.28 -17.90
N PRO A 132 -8.41 11.77 -18.24
CA PRO A 132 -8.10 12.10 -19.64
C PRO A 132 -8.46 10.98 -20.60
N ALA A 133 -8.90 11.35 -21.81
CA ALA A 133 -9.45 10.40 -22.79
C ALA A 133 -8.49 9.25 -23.12
N GLY A 134 -9.04 8.04 -23.22
CA GLY A 134 -8.26 6.90 -23.64
C GLY A 134 -7.79 6.02 -22.50
N LEU A 135 -7.96 6.50 -21.26
CA LEU A 135 -7.62 5.71 -20.07
C LEU A 135 -8.77 4.81 -19.69
N ASP A 136 -8.75 3.60 -20.24
CA ASP A 136 -9.92 2.73 -20.28
C ASP A 136 -9.91 1.58 -19.27
N THR A 137 -8.77 1.30 -18.64
CA THR A 137 -8.68 0.21 -17.68
C THR A 137 -8.10 0.68 -16.34
N VAL A 138 -8.47 0.00 -15.25
CA VAL A 138 -8.17 0.47 -13.90
C VAL A 138 -7.62 -0.65 -13.02
N PHE A 139 -6.45 -0.43 -12.45
CA PHE A 139 -5.87 -1.40 -11.52
C PHE A 139 -5.86 -0.75 -10.13
N PHE A 140 -6.64 -1.30 -9.21
CA PHE A 140 -6.68 -0.76 -7.85
C PHE A 140 -5.57 -1.33 -6.99
N SER A 141 -4.97 -0.49 -6.15
CA SER A 141 -4.00 -0.94 -5.16
C SER A 141 -4.20 -0.14 -3.88
N ASP A 142 -3.33 -0.32 -2.91
CA ASP A 142 -3.59 0.24 -1.59
C ASP A 142 -2.85 1.53 -1.29
N SER A 143 -1.92 1.91 -2.16
CA SER A 143 -1.14 3.12 -1.92
C SER A 143 -0.52 3.65 -3.19
N GLY A 144 -0.17 4.94 -3.17
CA GLY A 144 0.38 5.60 -4.33
C GLY A 144 1.66 4.94 -4.80
N SER A 145 2.55 4.61 -3.86
CA SER A 145 3.85 3.98 -4.21
C SER A 145 3.62 2.68 -4.97
N VAL A 146 2.68 1.88 -4.49
CA VAL A 146 2.32 0.65 -5.19
C VAL A 146 1.77 0.96 -6.59
N SER A 147 0.90 1.96 -6.70
CA SER A 147 0.29 2.27 -7.99
C SER A 147 1.35 2.70 -9.00
N VAL A 148 2.43 3.32 -8.51
CA VAL A 148 3.58 3.71 -9.36
C VAL A 148 4.34 2.49 -9.85
N GLU A 149 4.57 1.52 -8.95
CA GLU A 149 5.23 0.27 -9.29
C GLU A 149 4.37 -0.49 -10.31
N VAL A 150 3.05 -0.46 -10.12
CA VAL A 150 2.13 -1.06 -11.09
C VAL A 150 2.24 -0.40 -12.47
N ALA A 151 2.30 0.94 -12.49
CA ALA A 151 2.50 1.70 -13.73
C ALA A 151 3.77 1.28 -14.48
N ALA A 152 4.88 1.15 -13.75
CA ALA A 152 6.16 0.74 -14.33
C ALA A 152 6.06 -0.70 -14.85
N LYS A 153 5.42 -1.57 -14.08
CA LYS A 153 5.20 -2.95 -14.50
C LYS A 153 4.40 -3.03 -15.78
N MET A 154 3.33 -2.22 -15.86
CA MET A 154 2.54 -2.12 -17.09
C MET A 154 3.43 -1.75 -18.27
N ALA A 155 4.26 -0.73 -18.08
CA ALA A 155 5.13 -0.25 -19.16
C ALA A 155 6.14 -1.32 -19.57
N LEU A 156 6.77 -1.96 -18.58
CA LEU A 156 7.75 -3.00 -18.87
C LEU A 156 7.12 -4.17 -19.60
N GLN A 157 5.99 -4.65 -19.08
CA GLN A 157 5.30 -5.75 -19.71
C GLN A 157 4.77 -5.39 -21.09
N TYR A 158 4.40 -4.12 -21.28
CA TYR A 158 3.95 -3.66 -22.58
C TYR A 158 5.04 -3.90 -23.63
N TRP A 159 6.25 -3.41 -23.34
CA TRP A 159 7.34 -3.53 -24.31
C TRP A 159 7.79 -4.94 -24.52
N ARG A 160 7.80 -5.71 -23.44
CA ARG A 160 8.09 -7.14 -23.53
C ARG A 160 7.06 -7.84 -24.43
N GLY A 161 5.81 -7.40 -24.34
CA GLY A 161 4.76 -7.85 -25.26
C GLY A 161 4.96 -7.43 -26.72
N ARG A 162 5.81 -6.43 -26.96
CA ARG A 162 6.10 -5.97 -28.32
C ARG A 162 7.41 -6.54 -28.85
N GLY A 163 8.00 -7.49 -28.11
CA GLY A 163 9.29 -8.08 -28.49
C GLY A 163 10.45 -7.12 -28.32
N LEU A 164 10.28 -6.13 -27.45
CA LEU A 164 11.33 -5.14 -27.17
C LEU A 164 11.66 -5.05 -25.68
N PRO A 165 12.19 -6.16 -25.10
CA PRO A 165 12.50 -6.19 -23.66
C PRO A 165 13.65 -5.27 -23.26
N GLY A 166 14.37 -4.75 -24.25
CA GLY A 166 15.38 -3.74 -24.00
C GLY A 166 14.79 -2.44 -23.48
N LYS A 167 13.51 -2.21 -23.75
CA LYS A 167 12.83 -1.01 -23.27
C LYS A 167 12.38 -1.22 -21.82
N ARG A 168 13.29 -0.96 -20.89
CA ARG A 168 13.03 -1.27 -19.48
C ARG A 168 13.44 -0.17 -18.51
N ARG A 169 14.00 0.90 -19.01
CA ARG A 169 14.40 2.00 -18.14
C ARG A 169 13.31 3.07 -18.15
N LEU A 170 13.34 3.95 -17.17
CA LEU A 170 12.37 5.01 -17.09
C LEU A 170 13.11 6.32 -17.19
N MET A 171 12.42 7.32 -17.75
CA MET A 171 12.92 8.69 -17.83
C MET A 171 11.94 9.65 -17.16
N THR A 172 12.50 10.62 -16.44
CA THR A 172 11.71 11.66 -15.82
C THR A 172 12.54 12.94 -15.80
N TRP A 173 11.95 14.01 -15.30
CA TRP A 173 12.69 15.22 -15.00
C TRP A 173 12.95 15.29 -13.52
N ARG A 174 13.90 16.12 -13.11
CA ARG A 174 14.21 16.27 -11.70
C ARG A 174 13.10 17.01 -10.96
N GLY A 175 13.12 16.92 -9.63
CA GLY A 175 12.17 17.62 -8.76
C GLY A 175 10.95 16.78 -8.43
N GLY A 176 10.93 15.54 -8.92
CA GLY A 176 9.76 14.68 -8.81
C GLY A 176 9.72 13.85 -7.53
N TYR A 177 8.52 13.38 -7.21
CA TYR A 177 8.33 12.44 -6.12
C TYR A 177 7.29 11.44 -6.58
N HIS A 178 7.55 10.16 -6.35
CA HIS A 178 6.67 9.09 -6.82
C HIS A 178 6.45 8.01 -5.80
N GLY A 179 6.93 8.22 -4.58
CA GLY A 179 6.73 7.26 -3.50
C GLY A 179 8.01 6.66 -2.96
N ASP A 180 7.84 5.71 -2.04
CA ASP A 180 8.92 5.23 -1.19
C ASP A 180 9.34 3.76 -1.41
N THR A 181 8.58 3.00 -2.19
CA THR A 181 9.03 1.67 -2.59
C THR A 181 10.22 1.79 -3.55
N PHE A 182 11.02 0.74 -3.68
CA PHE A 182 12.33 0.84 -4.34
C PHE A 182 12.32 1.27 -5.82
N LEU A 183 11.35 0.83 -6.60
CA LEU A 183 11.23 1.33 -7.98
CA LEU A 183 11.25 1.33 -7.97
C LEU A 183 10.79 2.78 -7.95
N ALA A 184 9.74 3.07 -7.16
CA ALA A 184 9.23 4.43 -6.99
C ALA A 184 10.37 5.39 -6.63
N MET A 185 11.25 4.95 -5.73
CA MET A 185 12.39 5.75 -5.30
C MET A 185 13.29 6.11 -6.47
N SER A 186 13.45 5.17 -7.41
CA SER A 186 14.42 5.31 -8.48
C SER A 186 14.12 6.46 -9.45
N ILE A 187 12.88 6.94 -9.43
CA ILE A 187 12.48 8.10 -10.26
C ILE A 187 12.14 9.36 -9.44
N CYS A 188 12.29 9.28 -8.12
CA CYS A 188 12.19 10.46 -7.28
C CYS A 188 13.42 11.31 -7.56
N ASP A 189 13.30 12.60 -7.30
CA ASP A 189 14.44 13.48 -7.43
C ASP A 189 15.63 12.88 -6.68
N PRO A 190 16.79 12.74 -7.36
CA PRO A 190 17.92 12.09 -6.70
C PRO A 190 18.38 12.85 -5.45
N HIS A 191 18.22 14.17 -5.45
CA HIS A 191 18.59 14.96 -4.27
C HIS A 191 17.57 14.84 -3.18
N GLY A 192 16.33 15.22 -3.48
CA GLY A 192 15.23 15.09 -2.53
C GLY A 192 15.05 13.68 -1.98
N GLY A 193 15.24 12.68 -2.85
CA GLY A 193 15.10 11.27 -2.47
C GLY A 193 16.33 10.63 -1.87
N MET A 194 17.38 11.44 -1.65
CA MET A 194 18.64 10.99 -1.06
C MET A 194 19.19 9.72 -1.69
N HIS A 195 19.32 9.74 -3.01
CA HIS A 195 19.85 8.60 -3.77
C HIS A 195 21.27 8.28 -3.45
N SER A 196 21.98 9.26 -2.88
CA SER A 196 23.35 9.09 -2.37
C SER A 196 23.40 8.00 -1.32
N LEU A 197 22.36 7.94 -0.50
CA LEU A 197 22.22 6.93 0.54
C LEU A 197 21.95 5.53 -0.06
N TRP A 198 21.55 5.50 -1.32
CA TRP A 198 21.12 4.27 -1.98
C TRP A 198 21.99 3.81 -3.13
N THR A 199 23.23 4.28 -3.16
CA THR A 199 24.20 3.90 -4.19
C THR A 199 24.29 2.38 -4.33
N ASP A 200 24.16 1.91 -5.57
CA ASP A 200 24.23 0.49 -5.96
C ASP A 200 22.97 -0.32 -5.65
N VAL A 201 21.96 0.30 -5.04
CA VAL A 201 20.72 -0.45 -4.78
C VAL A 201 19.58 -0.07 -5.74
N LEU A 202 19.50 1.20 -6.12
CA LEU A 202 18.39 1.69 -6.95
C LEU A 202 18.62 1.44 -8.44
N ALA A 203 17.56 1.18 -9.19
CA ALA A 203 17.66 1.10 -10.65
C ALA A 203 18.18 2.43 -11.15
N ALA A 204 19.02 2.39 -12.18
CA ALA A 204 19.60 3.60 -12.74
C ALA A 204 18.69 4.16 -13.85
N GLN A 205 17.98 5.24 -13.55
CA GLN A 205 17.01 5.82 -14.49
C GLN A 205 17.59 7.04 -15.19
N VAL A 206 16.85 7.54 -16.17
CA VAL A 206 17.28 8.71 -16.95
C VAL A 206 16.59 9.98 -16.43
N PHE A 207 17.39 10.97 -16.06
CA PHE A 207 16.86 12.22 -15.51
C PHE A 207 17.16 13.39 -16.43
N ALA A 208 16.12 14.08 -16.88
CA ALA A 208 16.25 15.37 -17.50
C ALA A 208 16.39 16.42 -16.41
N PRO A 209 16.87 17.63 -16.75
CA PRO A 209 16.96 18.66 -15.72
C PRO A 209 15.59 19.05 -15.19
N GLN A 210 15.58 19.75 -14.06
CA GLN A 210 14.34 20.27 -13.48
C GLN A 210 13.50 21.00 -14.54
N VAL A 211 12.21 20.68 -14.62
CA VAL A 211 11.33 21.41 -15.54
C VAL A 211 11.08 22.81 -14.97
N PRO A 212 11.30 23.86 -15.79
CA PRO A 212 11.12 25.22 -15.32
C PRO A 212 9.65 25.60 -15.13
N ARG A 213 9.38 26.67 -14.40
CA ARG A 213 8.03 27.21 -14.27
C ARG A 213 7.49 27.71 -15.62
N ASP A 214 8.23 28.60 -16.26
CA ASP A 214 7.76 29.22 -17.49
C ASP A 214 8.09 28.36 -18.69
N TYR A 215 7.26 28.45 -19.72
CA TYR A 215 7.48 27.66 -20.92
C TYR A 215 8.70 28.10 -21.71
N ASP A 216 9.60 27.16 -21.97
CA ASP A 216 10.78 27.41 -22.77
C ASP A 216 10.97 26.27 -23.78
N PRO A 217 10.76 26.55 -25.08
CA PRO A 217 10.93 25.55 -26.15
C PRO A 217 12.28 24.82 -26.11
N ALA A 218 13.33 25.50 -25.66
CA ALA A 218 14.66 24.88 -25.57
C ALA A 218 14.69 23.74 -24.57
N TYR A 219 13.89 23.84 -23.50
CA TYR A 219 13.84 22.76 -22.51
C TYR A 219 13.29 21.48 -23.14
N SER A 220 12.19 21.61 -23.87
CA SER A 220 11.56 20.49 -24.55
C SER A 220 12.45 19.90 -25.64
N ALA A 221 13.19 20.77 -26.34
CA ALA A 221 14.15 20.32 -27.34
C ALA A 221 15.25 19.49 -26.69
N ALA A 222 15.76 19.95 -25.56
CA ALA A 222 16.81 19.22 -24.85
C ALA A 222 16.27 17.90 -24.29
N PHE A 223 15.03 17.94 -23.78
CA PHE A 223 14.38 16.74 -23.28
C PHE A 223 14.32 15.69 -24.40
N GLU A 224 13.83 16.12 -25.57
CA GLU A 224 13.78 15.25 -26.75
C GLU A 224 15.15 14.69 -27.13
N ALA A 225 16.17 15.56 -27.16
CA ALA A 225 17.52 15.16 -27.55
C ALA A 225 18.06 14.09 -26.61
N GLN A 226 17.80 14.26 -25.31
CA GLN A 226 18.24 13.29 -24.31
C GLN A 226 17.48 11.99 -24.45
N LEU A 227 16.15 12.09 -24.59
CA LEU A 227 15.32 10.90 -24.80
C LEU A 227 15.75 10.12 -26.05
N ALA A 228 16.05 10.84 -27.12
CA ALA A 228 16.46 10.22 -28.40
C ALA A 228 17.64 9.26 -28.22
N GLN A 229 18.56 9.62 -27.34
CA GLN A 229 19.74 8.80 -27.06
C GLN A 229 19.44 7.51 -26.30
N HIS A 230 18.28 7.46 -25.66
CA HIS A 230 17.92 6.31 -24.83
C HIS A 230 16.66 5.64 -25.31
N ALA A 231 16.11 6.08 -26.43
CA ALA A 231 14.77 5.65 -26.84
C ALA A 231 14.61 4.14 -26.85
N GLY A 232 15.62 3.44 -27.37
CA GLY A 232 15.62 1.99 -27.49
C GLY A 232 15.75 1.23 -26.18
N GLU A 233 16.09 1.93 -25.09
CA GLU A 233 16.08 1.30 -23.77
C GLU A 233 15.05 1.88 -22.80
N LEU A 234 14.19 2.78 -23.27
CA LEU A 234 13.19 3.42 -22.40
C LEU A 234 11.81 2.82 -22.56
N ALA A 235 11.27 2.34 -21.45
CA ALA A 235 9.87 1.91 -21.42
C ALA A 235 8.91 3.10 -21.38
N ALA A 236 9.26 4.11 -20.59
CA ALA A 236 8.32 5.19 -20.29
C ALA A 236 9.00 6.42 -19.76
N VAL A 237 8.34 7.56 -20.00
CA VAL A 237 8.59 8.81 -19.30
C VAL A 237 7.54 8.85 -18.20
N VAL A 238 7.96 9.18 -16.98
CA VAL A 238 7.05 9.28 -15.83
C VAL A 238 7.22 10.65 -15.17
N VAL A 239 6.16 11.46 -15.14
CA VAL A 239 6.20 12.78 -14.48
C VAL A 239 4.94 13.05 -13.66
N GLU A 240 5.04 13.96 -12.69
CA GLU A 240 3.90 14.63 -12.10
C GLU A 240 3.49 15.79 -13.02
N PRO A 241 2.24 15.81 -13.49
CA PRO A 241 1.86 16.87 -14.42
C PRO A 241 1.51 18.19 -13.73
N VAL A 242 2.09 19.28 -14.22
CA VAL A 242 1.79 20.66 -13.77
C VAL A 242 2.34 21.01 -12.38
N VAL A 243 2.01 20.22 -11.36
CA VAL A 243 2.52 20.47 -10.01
C VAL A 243 3.39 19.31 -9.51
N GLN A 244 4.63 19.60 -9.12
CA GLN A 244 5.45 18.62 -8.41
C GLN A 244 5.28 18.85 -6.92
N GLY A 245 4.89 17.81 -6.18
CA GLY A 245 4.54 17.93 -4.77
C GLY A 245 5.67 17.82 -3.76
N ALA A 246 5.96 16.59 -3.32
CA ALA A 246 6.90 16.36 -2.22
C ALA A 246 8.33 16.66 -2.61
N GLY A 247 8.57 16.75 -3.90
CA GLY A 247 9.91 17.11 -4.40
C GLY A 247 10.19 18.59 -4.41
N GLY A 248 9.21 19.42 -4.05
CA GLY A 248 9.46 20.86 -3.95
C GLY A 248 8.32 21.83 -4.23
N MET A 249 7.08 21.32 -4.35
CA MET A 249 5.92 22.19 -4.54
C MET A 249 6.13 23.19 -5.69
N ARG A 250 6.66 22.70 -6.80
CA ARG A 250 6.96 23.50 -7.97
C ARG A 250 5.88 23.33 -9.03
N PHE A 251 5.57 24.42 -9.73
CA PHE A 251 4.57 24.40 -10.79
C PHE A 251 5.29 24.59 -12.13
N HIS A 252 4.79 23.97 -13.19
CA HIS A 252 5.33 24.20 -14.52
C HIS A 252 4.25 24.42 -15.54
N ASP A 253 4.58 25.10 -16.63
CA ASP A 253 3.63 25.45 -17.68
C ASP A 253 3.04 24.18 -18.29
N PRO A 254 1.70 24.10 -18.41
CA PRO A 254 1.10 22.87 -18.95
C PRO A 254 1.54 22.53 -20.38
N ARG A 255 2.03 23.52 -21.12
CA ARG A 255 2.53 23.28 -22.49
C ARG A 255 3.64 22.23 -22.57
N TYR A 256 4.44 22.11 -21.50
CA TYR A 256 5.44 21.06 -21.43
C TYR A 256 4.84 19.67 -21.57
N LEU A 257 3.63 19.49 -21.06
CA LEU A 257 2.95 18.21 -21.15
C LEU A 257 2.58 17.87 -22.60
N HIS A 258 2.22 18.88 -23.38
N HIS A 258 2.17 18.90 -23.36
CA HIS A 258 1.94 18.71 -24.81
CA HIS A 258 1.96 18.79 -24.80
C HIS A 258 3.18 18.32 -25.58
C HIS A 258 3.19 18.23 -25.45
N ASP A 259 4.34 18.84 -25.16
CA ASP A 259 5.61 18.44 -25.74
C ASP A 259 5.96 17.00 -25.37
N LEU A 260 5.83 16.65 -24.09
CA LEU A 260 6.11 15.29 -23.67
C LEU A 260 5.27 14.28 -24.45
N ARG A 261 3.98 14.57 -24.61
CA ARG A 261 3.09 13.72 -25.37
C ARG A 261 3.60 13.53 -26.81
N ASP A 262 3.97 14.63 -27.46
CA ASP A 262 4.46 14.56 -28.84
C ASP A 262 5.80 13.79 -28.94
N ILE A 263 6.75 14.14 -28.07
CA ILE A 263 8.01 13.40 -27.99
C ILE A 263 7.78 11.90 -27.77
N CYS A 264 6.94 11.56 -26.80
CA CYS A 264 6.67 10.14 -26.51
C CYS A 264 6.06 9.43 -27.71
N ARG A 265 5.13 10.09 -28.38
CA ARG A 265 4.50 9.55 -29.58
C ARG A 265 5.53 9.25 -30.68
N ARG A 266 6.37 10.23 -31.00
CA ARG A 266 7.33 10.09 -32.09
C ARG A 266 8.42 9.07 -31.86
N TYR A 267 8.83 8.92 -30.59
CA TYR A 267 9.94 8.03 -30.24
C TYR A 267 9.47 6.70 -29.66
N GLU A 268 8.15 6.50 -29.66
CA GLU A 268 7.53 5.31 -29.11
C GLU A 268 8.08 4.97 -27.71
N VAL A 269 7.82 5.90 -26.80
CA VAL A 269 8.07 5.73 -25.38
C VAL A 269 6.72 6.01 -24.74
N LEU A 270 6.32 5.18 -23.77
CA LEU A 270 5.04 5.42 -23.11
C LEU A 270 5.12 6.66 -22.22
N LEU A 271 3.99 7.37 -22.06
CA LEU A 271 3.95 8.52 -21.14
C LEU A 271 3.07 8.20 -19.93
N ILE A 272 3.65 8.32 -18.74
CA ILE A 272 2.94 7.99 -17.51
C ILE A 272 2.80 9.28 -16.68
N PHE A 273 1.57 9.64 -16.33
CA PHE A 273 1.34 10.76 -15.42
C PHE A 273 1.02 10.28 -14.02
N ASP A 274 1.82 10.74 -13.06
CA ASP A 274 1.53 10.46 -11.66
C ASP A 274 0.70 11.60 -11.10
N GLU A 275 -0.62 11.37 -10.97
CA GLU A 275 -1.53 12.37 -10.44
C GLU A 275 -1.97 12.04 -9.00
N ILE A 276 -1.11 11.36 -8.26
CA ILE A 276 -1.45 10.94 -6.89
C ILE A 276 -1.68 12.16 -5.97
N ALA A 277 -0.91 13.22 -6.18
CA ALA A 277 -1.12 14.47 -5.43
C ALA A 277 -2.04 15.45 -6.17
N THR A 278 -1.97 15.46 -7.51
CA THR A 278 -2.65 16.51 -8.28
C THR A 278 -4.11 16.23 -8.59
N GLY A 279 -4.53 14.97 -8.41
CA GLY A 279 -5.87 14.55 -8.83
C GLY A 279 -7.03 15.21 -8.11
N PHE A 280 -8.20 15.11 -8.73
CA PHE A 280 -9.46 15.46 -8.06
C PHE A 280 -9.58 16.94 -7.70
N GLY A 281 -9.25 17.78 -8.68
CA GLY A 281 -9.55 19.21 -8.61
C GLY A 281 -8.49 20.07 -7.97
N ARG A 282 -7.48 19.43 -7.36
CA ARG A 282 -6.54 20.14 -6.49
C ARG A 282 -5.81 21.31 -7.18
N THR A 283 -5.48 21.16 -8.47
CA THR A 283 -4.76 22.19 -9.21
C THR A 283 -5.67 23.15 -9.98
N GLY A 284 -6.98 23.04 -9.80
CA GLY A 284 -7.92 23.92 -10.50
C GLY A 284 -8.54 23.30 -11.74
N ALA A 285 -8.00 22.17 -12.18
CA ALA A 285 -8.62 21.33 -13.20
C ALA A 285 -8.93 20.02 -12.50
N LEU A 286 -9.79 19.19 -13.10
CA LEU A 286 -10.17 17.95 -12.45
C LEU A 286 -8.93 17.06 -12.28
N PHE A 287 -8.15 16.93 -13.34
CA PHE A 287 -6.83 16.34 -13.27
C PHE A 287 -5.87 17.30 -13.90
N ALA A 288 -4.63 17.29 -13.46
CA ALA A 288 -3.69 18.31 -13.88
C ALA A 288 -3.39 18.20 -15.38
N ALA A 289 -3.47 16.98 -15.90
CA ALA A 289 -3.29 16.75 -17.35
C ALA A 289 -4.27 17.61 -18.17
N ASP A 290 -5.45 17.86 -17.59
CA ASP A 290 -6.50 18.63 -18.26
C ASP A 290 -6.08 20.05 -18.58
N HIS A 291 -5.11 20.57 -17.83
CA HIS A 291 -4.57 21.89 -18.09
C HIS A 291 -3.92 21.95 -19.44
N ALA A 292 -3.55 20.78 -19.98
CA ALA A 292 -2.90 20.70 -21.29
C ALA A 292 -3.73 19.94 -22.33
N GLY A 293 -4.88 19.41 -21.92
CA GLY A 293 -5.69 18.54 -22.78
C GLY A 293 -4.98 17.25 -23.17
N VAL A 294 -3.97 16.84 -22.39
CA VAL A 294 -3.10 15.72 -22.75
C VAL A 294 -3.56 14.43 -22.08
N SER A 295 -3.50 13.35 -22.84
CA SER A 295 -3.74 12.01 -22.34
C SER A 295 -2.43 11.23 -22.25
N PRO A 296 -2.08 10.75 -21.05
CA PRO A 296 -0.94 9.84 -20.93
C PRO A 296 -1.37 8.44 -21.33
N ASP A 297 -0.41 7.55 -21.51
CA ASP A 297 -0.72 6.14 -21.76
C ASP A 297 -1.12 5.43 -20.46
N ILE A 298 -0.52 5.87 -19.36
CA ILE A 298 -0.73 5.28 -18.03
C ILE A 298 -0.87 6.43 -17.03
N MET A 299 -1.75 6.28 -16.04
CA MET A 299 -2.00 7.32 -15.03
C MET A 299 -2.16 6.76 -13.61
N CYS A 300 -1.54 7.39 -12.63
CA CYS A 300 -1.70 7.00 -11.21
C CYS A 300 -2.47 8.07 -10.44
N VAL A 301 -3.38 7.62 -9.57
CA VAL A 301 -4.13 8.49 -8.64
C VAL A 301 -4.11 7.86 -7.24
N GLY A 302 -4.32 8.66 -6.19
CA GLY A 302 -4.33 8.09 -4.83
C GLY A 302 -4.79 8.90 -3.63
N LYS A 303 -4.08 9.98 -3.32
CA LYS A 303 -4.23 10.65 -2.02
C LYS A 303 -5.63 11.11 -1.65
N ALA A 304 -6.29 11.81 -2.57
CA ALA A 304 -7.62 12.37 -2.33
C ALA A 304 -8.68 11.43 -2.86
N LEU A 305 -8.26 10.26 -3.34
CA LEU A 305 -9.18 9.33 -3.98
C LEU A 305 -10.35 8.97 -3.06
N THR A 306 -10.06 8.70 -1.78
CA THR A 306 -11.12 8.34 -0.82
C THR A 306 -11.59 9.54 0.02
N GLY A 307 -11.29 10.75 -0.41
CA GLY A 307 -11.54 11.91 0.43
C GLY A 307 -10.75 11.89 1.73
N GLY A 308 -9.71 11.08 1.78
CA GLY A 308 -8.84 11.04 2.95
C GLY A 308 -9.31 10.18 4.09
N TYR A 309 -10.19 9.22 3.79
CA TYR A 309 -10.68 8.33 4.83
C TYR A 309 -9.78 7.11 4.98
N LEU A 310 -9.44 6.52 3.85
CA LEU A 310 -8.76 5.22 3.80
C LEU A 310 -7.74 5.18 2.67
N SER A 311 -6.75 4.30 2.82
CA SER A 311 -5.73 4.13 1.80
CA SER A 311 -5.73 4.15 1.79
C SER A 311 -6.33 3.46 0.57
N LEU A 312 -6.11 4.06 -0.60
CA LEU A 312 -6.53 3.50 -1.88
C LEU A 312 -5.83 4.27 -2.98
N ALA A 313 -5.45 3.56 -4.02
CA ALA A 313 -4.83 4.14 -5.20
C ALA A 313 -5.29 3.40 -6.43
N ALA A 314 -5.07 3.99 -7.59
CA ALA A 314 -5.43 3.35 -8.85
C ALA A 314 -4.42 3.65 -9.95
N THR A 315 -4.18 2.68 -10.81
CA THR A 315 -3.35 2.88 -11.99
C THR A 315 -4.22 2.59 -13.18
N LEU A 316 -4.34 3.59 -14.07
CA LEU A 316 -5.12 3.42 -15.30
C LEU A 316 -4.19 3.35 -16.51
N CYS A 317 -4.57 2.55 -17.50
CA CYS A 317 -3.83 2.53 -18.76
C CYS A 317 -4.80 2.39 -19.92
N THR A 318 -4.30 2.67 -21.12
CA THR A 318 -5.10 2.63 -22.33
C THR A 318 -5.45 1.19 -22.71
N ALA A 319 -6.44 1.06 -23.58
CA ALA A 319 -6.81 -0.24 -24.13
C ALA A 319 -5.62 -0.90 -24.84
N ASP A 320 -4.87 -0.12 -25.61
CA ASP A 320 -3.72 -0.66 -26.33
C ASP A 320 -2.68 -1.26 -25.39
N VAL A 321 -2.37 -0.54 -24.30
CA VAL A 321 -1.44 -1.07 -23.30
C VAL A 321 -1.98 -2.37 -22.69
N ALA A 322 -3.24 -2.34 -22.29
CA ALA A 322 -3.88 -3.48 -21.66
C ALA A 322 -3.86 -4.71 -22.58
N HIS A 323 -4.23 -4.50 -23.84
CA HIS A 323 -4.26 -5.60 -24.83
C HIS A 323 -2.89 -6.16 -25.11
N THR A 324 -1.90 -5.28 -25.23
CA THR A 324 -0.54 -5.73 -25.52
C THR A 324 0.04 -6.54 -24.36
N ILE A 325 -0.19 -6.09 -23.13
CA ILE A 325 0.20 -6.85 -21.93
C ILE A 325 -0.49 -8.21 -21.96
N SER A 326 -1.80 -8.18 -22.18
CA SER A 326 -2.61 -9.39 -22.12
C SER A 326 -2.27 -10.41 -23.23
N ALA A 327 -1.73 -9.92 -24.34
CA ALA A 327 -1.36 -10.78 -25.47
C ALA A 327 0.08 -11.30 -25.36
N GLY A 328 0.85 -10.74 -24.42
CA GLY A 328 2.26 -11.09 -24.25
C GLY A 328 2.49 -12.44 -23.58
N ALA A 329 3.76 -12.78 -23.35
CA ALA A 329 4.16 -14.11 -22.85
C ALA A 329 3.55 -14.46 -21.50
N ALA A 330 3.40 -13.45 -20.64
CA ALA A 330 2.78 -13.64 -19.34
C ALA A 330 1.27 -13.83 -19.48
N GLY A 331 0.69 -13.24 -20.51
CA GLY A 331 -0.76 -13.26 -20.71
C GLY A 331 -1.56 -12.51 -19.64
N ALA A 332 -0.88 -11.68 -18.86
CA ALA A 332 -1.50 -11.01 -17.72
C ALA A 332 -0.53 -10.01 -17.12
N LEU A 333 -1.07 -9.06 -16.36
CA LEU A 333 -0.26 -8.11 -15.60
C LEU A 333 0.10 -8.81 -14.29
N MET A 334 1.39 -8.93 -14.04
CA MET A 334 1.90 -9.78 -12.96
CA MET A 334 1.89 -9.78 -12.95
C MET A 334 1.90 -9.07 -11.59
N HIS A 335 0.70 -8.73 -11.12
CA HIS A 335 0.53 -7.95 -9.90
C HIS A 335 -0.85 -8.18 -9.33
N GLY A 336 -0.95 -8.22 -8.00
CA GLY A 336 -2.22 -8.51 -7.35
C GLY A 336 -2.16 -8.34 -5.84
N PRO A 337 -2.41 -7.10 -5.35
CA PRO A 337 -2.37 -6.80 -3.93
C PRO A 337 -3.49 -7.51 -3.18
N THR A 338 -3.20 -7.93 -1.94
CA THR A 338 -4.19 -8.60 -1.07
C THR A 338 -5.51 -7.85 -0.95
N PHE A 339 -5.46 -6.54 -0.68
CA PHE A 339 -6.68 -5.77 -0.52
C PHE A 339 -7.11 -5.04 -1.79
N MET A 340 -6.72 -5.60 -2.94
CA MET A 340 -7.03 -4.99 -4.22
C MET A 340 -8.52 -4.70 -4.30
N ALA A 341 -8.86 -3.45 -4.63
CA ALA A 341 -10.22 -3.00 -4.83
C ALA A 341 -11.11 -3.16 -3.59
N ASN A 342 -10.54 -2.99 -2.39
CA ASN A 342 -11.29 -3.05 -1.13
C ASN A 342 -12.65 -2.34 -1.22
N PRO A 343 -13.75 -3.08 -0.99
CA PRO A 343 -15.10 -2.49 -1.06
C PRO A 343 -15.27 -1.22 -0.22
N LEU A 344 -14.82 -1.24 1.03
CA LEU A 344 -14.98 -0.08 1.91
C LEU A 344 -14.30 1.15 1.31
N ALA A 345 -13.01 1.02 0.99
CA ALA A 345 -12.27 2.11 0.37
C ALA A 345 -12.92 2.55 -0.95
N CYS A 346 -13.29 1.60 -1.79
CA CYS A 346 -13.92 1.95 -3.07
C CYS A 346 -15.24 2.71 -2.87
N ALA A 347 -16.03 2.30 -1.89
CA ALA A 347 -17.34 2.92 -1.62
C ALA A 347 -17.20 4.38 -1.20
N VAL A 348 -16.30 4.63 -0.26
CA VAL A 348 -16.08 6.00 0.19
CA VAL A 348 -16.05 6.00 0.20
C VAL A 348 -15.51 6.84 -0.96
N SER A 349 -14.65 6.25 -1.79
CA SER A 349 -14.12 6.92 -2.98
CA SER A 349 -14.13 6.93 -2.98
C SER A 349 -15.22 7.30 -3.98
N VAL A 350 -16.14 6.37 -4.22
CA VAL A 350 -17.27 6.67 -5.12
C VAL A 350 -18.00 7.91 -4.58
N ALA A 351 -18.28 7.91 -3.27
CA ALA A 351 -19.02 9.03 -2.67
C ALA A 351 -18.22 10.32 -2.72
N SER A 352 -16.90 10.24 -2.53
CA SER A 352 -16.04 11.42 -2.58
C SER A 352 -15.99 12.03 -3.99
N VAL A 353 -15.85 11.18 -4.99
CA VAL A 353 -15.80 11.61 -6.38
C VAL A 353 -17.15 12.20 -6.82
N GLU A 354 -18.24 11.53 -6.48
CA GLU A 354 -19.57 12.04 -6.77
C GLU A 354 -19.85 13.36 -6.06
N LEU A 355 -19.46 13.46 -4.80
CA LEU A 355 -19.59 14.71 -4.06
C LEU A 355 -18.87 15.85 -4.76
N LEU A 356 -17.67 15.58 -5.27
CA LEU A 356 -16.91 16.57 -6.02
C LEU A 356 -17.58 16.94 -7.34
N LEU A 357 -18.03 15.93 -8.08
CA LEU A 357 -18.58 16.18 -9.41
C LEU A 357 -19.96 16.83 -9.35
N GLY A 358 -20.68 16.60 -8.25
CA GLY A 358 -22.06 17.07 -8.10
C GLY A 358 -22.16 18.51 -7.62
N GLN A 359 -21.02 19.14 -7.37
CA GLN A 359 -21.00 20.56 -7.03
C GLN A 359 -20.21 21.31 -8.11
N ASP A 360 -20.27 22.63 -8.07
CA ASP A 360 -19.47 23.45 -8.96
C ASP A 360 -18.05 23.54 -8.40
N TRP A 361 -17.32 22.42 -8.50
CA TRP A 361 -15.97 22.33 -7.92
C TRP A 361 -15.02 23.33 -8.52
N ARG A 362 -15.20 23.65 -9.81
CA ARG A 362 -14.30 24.57 -10.51
C ARG A 362 -14.37 25.98 -9.93
N THR A 363 -15.59 26.47 -9.71
CA THR A 363 -15.80 27.76 -9.06
C THR A 363 -15.29 27.73 -7.63
N ARG A 364 -15.54 26.61 -6.93
CA ARG A 364 -15.06 26.45 -5.55
C ARG A 364 -13.54 26.60 -5.48
N ILE A 365 -12.83 25.85 -6.33
CA ILE A 365 -11.37 25.87 -6.33
C ILE A 365 -10.86 27.23 -6.79
N THR A 366 -11.51 27.82 -7.80
CA THR A 366 -11.19 29.17 -8.23
C THR A 366 -11.32 30.17 -7.06
N GLU A 367 -12.40 30.08 -6.30
CA GLU A 367 -12.58 30.96 -5.12
C GLU A 367 -11.50 30.72 -4.05
N LEU A 368 -11.19 29.44 -3.84
CA LEU A 368 -10.14 29.04 -2.92
CA LEU A 368 -10.14 29.00 -2.92
C LEU A 368 -8.79 29.61 -3.32
N ALA A 369 -8.45 29.42 -4.60
CA ALA A 369 -7.20 29.92 -5.16
C ALA A 369 -7.14 31.45 -5.05
N ALA A 370 -8.24 32.13 -5.37
CA ALA A 370 -8.34 33.58 -5.20
C ALA A 370 -8.09 34.01 -3.74
N GLY A 371 -8.64 33.24 -2.80
CA GLY A 371 -8.43 33.48 -1.37
C GLY A 371 -7.00 33.27 -0.94
N LEU A 372 -6.39 32.21 -1.47
CA LEU A 372 -4.99 31.91 -1.21
C LEU A 372 -4.14 33.03 -1.78
N THR A 373 -4.40 33.40 -3.05
CA THR A 373 -3.67 34.49 -3.70
C THR A 373 -3.77 35.80 -2.92
N ALA A 374 -4.99 36.21 -2.59
CA ALA A 374 -5.22 37.45 -1.84
C ALA A 374 -4.59 37.39 -0.46
N GLY A 375 -4.75 36.26 0.21
CA GLY A 375 -4.25 36.08 1.58
C GLY A 375 -2.74 36.01 1.69
N LEU A 376 -2.09 35.50 0.64
CA LEU A 376 -0.63 35.26 0.68
C LEU A 376 0.16 36.40 0.06
N ASP A 377 -0.54 37.35 -0.55
CA ASP A 377 0.14 38.44 -1.25
C ASP A 377 1.10 39.21 -0.36
N THR A 378 0.65 39.53 0.86
CA THR A 378 1.46 40.30 1.81
CA THR A 378 1.47 40.31 1.79
C THR A 378 2.79 39.62 2.15
N ALA A 379 2.85 38.29 1.96
CA ALA A 379 4.08 37.54 2.22
C ALA A 379 5.21 37.86 1.23
N ARG A 380 4.87 38.31 0.02
CA ARG A 380 5.87 38.63 -1.00
C ARG A 380 6.87 39.69 -0.52
N ALA A 381 6.42 40.52 0.41
CA ALA A 381 7.20 41.65 0.91
C ALA A 381 8.03 41.30 2.14
N LEU A 382 7.83 40.10 2.70
CA LEU A 382 8.59 39.65 3.86
C LEU A 382 10.04 39.29 3.52
N PRO A 383 10.99 39.62 4.42
CA PRO A 383 12.43 39.47 4.11
C PRO A 383 12.89 38.05 3.79
N ALA A 384 12.31 37.03 4.43
CA ALA A 384 12.73 35.64 4.20
C ALA A 384 11.98 34.94 3.08
N VAL A 385 11.18 35.68 2.32
CA VAL A 385 10.34 35.07 1.28
C VAL A 385 10.90 35.32 -0.12
N THR A 386 11.16 34.23 -0.84
N THR A 386 11.18 34.23 -0.84
CA THR A 386 11.71 34.30 -2.19
CA THR A 386 11.71 34.35 -2.20
C THR A 386 10.62 34.19 -3.26
C THR A 386 10.67 34.10 -3.30
N ASP A 387 9.55 33.49 -2.94
CA ASP A 387 8.45 33.32 -3.88
C ASP A 387 7.14 33.03 -3.18
N VAL A 388 6.06 33.51 -3.78
CA VAL A 388 4.71 33.14 -3.39
C VAL A 388 4.02 32.64 -4.65
N ARG A 389 3.46 31.44 -4.59
CA ARG A 389 2.81 30.88 -5.75
C ARG A 389 1.58 30.12 -5.34
N VAL A 390 0.57 30.19 -6.20
CA VAL A 390 -0.71 29.53 -5.98
C VAL A 390 -1.10 28.82 -7.27
N CYS A 391 -1.59 27.60 -7.15
CA CYS A 391 -2.13 26.88 -8.28
C CYS A 391 -3.30 26.07 -7.78
N GLY A 392 -4.49 26.50 -8.13
CA GLY A 392 -5.71 25.89 -7.59
C GLY A 392 -5.70 25.99 -6.08
N ALA A 393 -6.02 24.89 -5.40
CA ALA A 393 -6.09 24.91 -3.95
C ALA A 393 -4.74 24.53 -3.34
N ILE A 394 -3.69 25.21 -3.82
CA ILE A 394 -2.33 24.99 -3.35
C ILE A 394 -1.70 26.36 -3.20
N GLY A 395 -1.25 26.67 -1.99
CA GLY A 395 -0.59 27.95 -1.73
C GLY A 395 0.78 27.70 -1.13
N VAL A 396 1.79 28.35 -1.69
CA VAL A 396 3.16 28.10 -1.28
C VAL A 396 3.85 29.42 -1.01
N ILE A 397 4.44 29.53 0.18
CA ILE A 397 5.42 30.57 0.44
C ILE A 397 6.76 29.85 0.44
N GLU A 398 7.61 30.21 -0.52
CA GLU A 398 8.96 29.67 -0.59
C GLU A 398 9.88 30.61 0.16
N CYS A 399 10.54 30.07 1.18
CA CYS A 399 11.41 30.86 2.05
C CYS A 399 12.86 30.72 1.63
N ASP A 400 13.72 31.52 2.24
CA ASP A 400 15.12 31.58 1.84
C ASP A 400 16.00 30.72 2.75
N ARG A 401 15.37 30.00 3.67
CA ARG A 401 16.04 29.11 4.59
C ARG A 401 15.11 27.97 4.96
N PRO A 402 15.65 26.79 5.35
CA PRO A 402 14.77 25.74 5.84
C PRO A 402 13.95 26.23 7.02
N VAL A 403 12.69 25.81 7.07
CA VAL A 403 11.79 26.27 8.12
C VAL A 403 11.96 25.37 9.34
N ASP A 404 12.18 25.97 10.51
CA ASP A 404 12.29 25.19 11.73
C ASP A 404 10.90 24.83 12.24
N LEU A 405 10.59 23.54 12.24
CA LEU A 405 9.29 23.05 12.70
C LEU A 405 9.04 23.33 14.18
N ALA A 406 10.11 23.37 14.97
CA ALA A 406 9.98 23.60 16.40
C ALA A 406 9.43 25.00 16.69
N VAL A 407 9.64 25.93 15.77
CA VAL A 407 9.06 27.27 15.86
C VAL A 407 7.75 27.36 15.07
N ALA A 408 7.77 26.87 13.83
CA ALA A 408 6.63 27.01 12.91
C ALA A 408 5.36 26.32 13.40
N THR A 409 5.48 25.07 13.86
CA THR A 409 4.31 24.29 14.31
C THR A 409 3.52 25.01 15.42
N PRO A 410 4.17 25.33 16.56
CA PRO A 410 3.44 26.00 17.62
C PRO A 410 2.95 27.39 17.24
N ALA A 411 3.70 28.10 16.41
CA ALA A 411 3.29 29.43 15.93
C ALA A 411 1.98 29.34 15.14
N ALA A 412 1.86 28.33 14.26
CA ALA A 412 0.62 28.16 13.51
C ALA A 412 -0.53 27.71 14.43
N LEU A 413 -0.25 26.80 15.37
CA LEU A 413 -1.26 26.35 16.33
C LEU A 413 -1.76 27.51 17.20
N ASP A 414 -0.86 28.40 17.58
CA ASP A 414 -1.19 29.64 18.30
C ASP A 414 -2.20 30.47 17.50
N ARG A 415 -2.18 30.32 16.18
CA ARG A 415 -3.10 31.03 15.32
C ARG A 415 -4.26 30.17 14.86
N GLY A 416 -4.42 28.99 15.48
CA GLY A 416 -5.56 28.13 15.20
C GLY A 416 -5.49 27.36 13.89
N VAL A 417 -4.27 27.07 13.43
CA VAL A 417 -4.04 26.38 12.15
C VAL A 417 -2.98 25.29 12.29
N TRP A 418 -3.26 24.11 11.73
CA TRP A 418 -2.27 23.05 11.60
C TRP A 418 -1.51 23.22 10.31
N LEU A 419 -0.25 23.65 10.41
CA LEU A 419 0.64 23.71 9.24
C LEU A 419 1.82 22.82 9.48
N ARG A 420 2.29 22.15 8.43
CA ARG A 420 3.53 21.37 8.51
C ARG A 420 4.44 21.80 7.37
N PRO A 421 5.32 22.77 7.63
CA PRO A 421 6.26 23.10 6.56
C PRO A 421 7.20 21.94 6.27
N PHE A 422 7.80 21.94 5.09
CA PHE A 422 8.94 21.07 4.82
C PHE A 422 10.00 21.82 4.03
N ARG A 423 11.25 21.43 4.24
CA ARG A 423 12.39 22.16 3.71
C ARG A 423 12.19 23.66 3.93
N ASN A 424 12.28 24.46 2.88
CA ASN A 424 12.10 25.91 2.98
C ASN A 424 10.68 26.37 2.60
N LEU A 425 9.70 25.47 2.69
CA LEU A 425 8.37 25.79 2.15
C LEU A 425 7.29 25.82 3.24
N VAL A 426 6.56 26.94 3.29
CA VAL A 426 5.38 27.06 4.13
C VAL A 426 4.20 27.02 3.16
N TYR A 427 3.43 25.96 3.24
CA TYR A 427 2.44 25.76 2.20
C TYR A 427 1.18 25.17 2.76
N ALA A 428 0.12 25.25 1.96
CA ALA A 428 -1.14 24.67 2.34
C ALA A 428 -1.80 24.10 1.13
N MET A 429 -2.56 23.05 1.38
CA MET A 429 -3.47 22.53 0.39
C MET A 429 -4.74 22.26 1.18
N PRO A 430 -5.54 23.31 1.40
CA PRO A 430 -6.66 23.23 2.33
C PRO A 430 -7.83 22.41 1.80
N PRO A 431 -8.71 21.90 2.69
CA PRO A 431 -9.93 21.25 2.25
C PRO A 431 -10.77 22.20 1.41
N TYR A 432 -11.46 21.66 0.40
CA TYR A 432 -12.27 22.47 -0.51
C TYR A 432 -13.43 23.17 0.20
N ILE A 433 -13.81 22.63 1.35
CA ILE A 433 -14.94 23.13 2.14
C ILE A 433 -14.61 24.33 3.03
N CYS A 434 -13.34 24.72 3.05
CA CYS A 434 -12.92 25.90 3.83
C CYS A 434 -13.66 27.13 3.35
N THR A 435 -14.24 27.87 4.29
CA THR A 435 -14.93 29.11 3.97
C THR A 435 -13.88 30.18 3.62
N PRO A 436 -14.31 31.27 2.95
CA PRO A 436 -13.40 32.40 2.73
C PRO A 436 -12.70 32.87 4.01
N ALA A 437 -13.43 32.98 5.13
CA ALA A 437 -12.80 33.36 6.40
C ALA A 437 -11.76 32.34 6.88
N GLU A 438 -12.04 31.04 6.72
CA GLU A 438 -11.08 30.00 7.11
C GLU A 438 -9.84 30.04 6.22
N ILE A 439 -10.00 30.33 4.93
CA ILE A 439 -8.85 30.46 4.02
C ILE A 439 -7.97 31.62 4.45
N THR A 440 -8.60 32.73 4.81
N THR A 440 -8.59 32.74 4.80
CA THR A 440 -7.86 33.90 5.26
CA THR A 440 -7.84 33.89 5.27
C THR A 440 -7.20 33.66 6.62
C THR A 440 -7.16 33.62 6.61
N GLN A 441 -7.84 32.86 7.48
CA GLN A 441 -7.24 32.44 8.74
C GLN A 441 -6.01 31.56 8.47
N ILE A 442 -6.12 30.65 7.50
CA ILE A 442 -4.98 29.80 7.10
C ILE A 442 -3.85 30.65 6.52
N THR A 443 -4.16 31.54 5.58
CA THR A 443 -3.10 32.32 4.94
C THR A 443 -2.44 33.28 5.93
N SER A 444 -3.24 33.81 6.87
CA SER A 444 -2.71 34.66 7.93
CA SER A 444 -2.69 34.67 7.93
C SER A 444 -1.69 33.92 8.80
N ALA A 445 -1.99 32.69 9.15
CA ALA A 445 -1.07 31.86 9.93
C ALA A 445 0.19 31.57 9.11
N MET A 446 0.00 31.30 7.81
CA MET A 446 1.14 31.07 6.92
C MET A 446 2.03 32.29 6.86
N VAL A 447 1.42 33.46 6.72
CA VAL A 447 2.16 34.71 6.70
C VAL A 447 2.93 34.87 8.01
N GLU A 448 2.28 34.61 9.14
CA GLU A 448 2.92 34.74 10.46
C GLU A 448 4.08 33.78 10.68
N VAL A 449 3.95 32.57 10.16
CA VAL A 449 5.05 31.61 10.20
C VAL A 449 6.21 32.12 9.34
N ALA A 450 5.91 32.60 8.14
CA ALA A 450 6.94 33.12 7.24
C ALA A 450 7.63 34.34 7.87
N ARG A 451 6.84 35.19 8.54
CA ARG A 451 7.40 36.34 9.25
C ARG A 451 8.37 35.88 10.34
N LEU A 452 7.97 34.86 11.09
CA LEU A 452 8.83 34.28 12.13
C LEU A 452 10.10 33.63 11.59
N VAL A 453 10.00 32.99 10.43
CA VAL A 453 11.16 32.37 9.78
C VAL A 453 12.26 33.42 9.59
N GLY A 454 11.87 34.60 9.09
CA GLY A 454 12.81 35.70 8.92
C GLY A 454 12.98 36.58 10.15
N SER A 455 12.37 36.17 11.27
CA SER A 455 12.28 37.00 12.47
C SER A 455 13.38 36.72 13.46
N LEU A 456 13.70 35.45 13.65
CA LEU A 456 14.76 34.99 14.55
C LEU A 456 15.23 36.05 15.55
N GLY B 27 -25.63 3.13 -8.82
CA GLY B 27 -26.30 1.81 -8.72
C GLY B 27 -26.06 0.95 -9.95
N LEU B 28 -25.67 -0.31 -9.73
CA LEU B 28 -25.43 -1.25 -10.83
C LEU B 28 -25.93 -2.65 -10.50
N THR B 29 -26.57 -3.27 -11.47
CA THR B 29 -27.01 -4.67 -11.38
C THR B 29 -25.77 -5.56 -11.60
N PRO B 30 -25.86 -6.85 -11.21
CA PRO B 30 -24.73 -7.75 -11.49
C PRO B 30 -24.29 -7.80 -12.97
N GLU B 31 -25.26 -7.81 -13.89
CA GLU B 31 -24.96 -7.76 -15.33
C GLU B 31 -24.19 -6.50 -15.74
N GLN B 32 -24.62 -5.36 -15.22
CA GLN B 32 -23.92 -4.09 -15.46
C GLN B 32 -22.53 -4.14 -14.84
N ILE B 33 -22.43 -4.69 -13.63
CA ILE B 33 -21.14 -4.86 -12.94
C ILE B 33 -20.19 -5.68 -13.81
N ILE B 34 -20.67 -6.80 -14.33
CA ILE B 34 -19.85 -7.66 -15.19
C ILE B 34 -19.38 -6.95 -16.45
N ALA B 35 -20.27 -6.16 -17.04
CA ALA B 35 -19.97 -5.44 -18.29
C ALA B 35 -18.92 -4.36 -18.06
N VAL B 36 -19.10 -3.59 -16.98
CA VAL B 36 -18.10 -2.59 -16.58
C VAL B 36 -16.76 -3.29 -16.29
N ASP B 37 -16.82 -4.33 -15.45
CA ASP B 37 -15.64 -5.08 -15.02
C ASP B 37 -14.83 -5.62 -16.20
N GLY B 38 -15.51 -6.29 -17.13
CA GLY B 38 -14.83 -6.83 -18.31
C GLY B 38 -14.11 -5.79 -19.15
N ALA B 39 -14.71 -4.61 -19.29
CA ALA B 39 -14.11 -3.56 -20.09
C ALA B 39 -13.02 -2.80 -19.33
N HIS B 40 -13.20 -2.63 -18.03
CA HIS B 40 -12.39 -1.63 -17.31
C HIS B 40 -11.56 -2.10 -16.13
N LEU B 41 -11.79 -3.31 -15.61
CA LEU B 41 -11.13 -3.69 -14.36
C LEU B 41 -10.05 -4.76 -14.49
N TRP B 42 -8.85 -4.45 -14.00
CA TRP B 42 -7.84 -5.46 -13.76
C TRP B 42 -8.16 -6.22 -12.51
N HIS B 43 -7.75 -7.49 -12.48
CA HIS B 43 -7.81 -8.31 -11.29
C HIS B 43 -6.43 -8.83 -11.00
N PRO B 44 -6.23 -9.47 -9.84
CA PRO B 44 -4.88 -9.93 -9.47
C PRO B 44 -4.34 -10.87 -10.54
N TYR B 45 -3.15 -10.57 -11.08
CA TYR B 45 -2.48 -11.46 -12.05
C TYR B 45 -3.40 -11.87 -13.22
N SER B 46 -4.10 -10.89 -13.77
CA SER B 46 -5.11 -11.15 -14.79
C SER B 46 -4.86 -10.34 -16.05
N SER B 47 -5.68 -10.60 -17.06
CA SER B 47 -5.63 -9.87 -18.32
CA SER B 47 -5.64 -9.87 -18.32
C SER B 47 -6.78 -8.86 -18.36
N ILE B 48 -6.88 -8.14 -19.46
CA ILE B 48 -8.09 -7.40 -19.82
C ILE B 48 -8.52 -8.02 -21.15
N GLY B 49 -9.76 -8.50 -21.21
CA GLY B 49 -10.32 -9.00 -22.46
C GLY B 49 -9.89 -10.41 -22.87
N ARG B 50 -9.11 -11.08 -22.03
CA ARG B 50 -8.66 -12.46 -22.30
C ARG B 50 -8.88 -13.40 -21.12
N GLU B 51 -9.77 -13.02 -20.20
CA GLU B 51 -10.08 -13.86 -19.06
C GLU B 51 -10.83 -15.10 -19.52
N ALA B 52 -10.34 -16.28 -19.11
CA ALA B 52 -11.00 -17.54 -19.46
C ALA B 52 -12.41 -17.59 -18.89
N VAL B 53 -12.57 -17.13 -17.65
CA VAL B 53 -13.88 -17.05 -17.00
C VAL B 53 -14.06 -15.67 -16.40
N SER B 54 -15.27 -15.13 -16.51
CA SER B 54 -15.63 -13.89 -15.81
C SER B 54 -15.44 -14.04 -14.30
N PRO B 55 -15.09 -12.94 -13.61
CA PRO B 55 -15.13 -13.02 -12.14
C PRO B 55 -16.59 -13.11 -11.69
N VAL B 56 -16.79 -13.63 -10.49
CA VAL B 56 -18.13 -13.78 -9.92
C VAL B 56 -18.47 -12.53 -9.11
N VAL B 57 -19.66 -11.97 -9.33
CA VAL B 57 -20.12 -10.80 -8.59
C VAL B 57 -20.40 -11.17 -7.14
N ALA B 58 -19.70 -10.50 -6.23
CA ALA B 58 -19.96 -10.63 -4.81
C ALA B 58 -20.85 -9.46 -4.37
N VAL B 59 -21.91 -9.74 -3.63
CA VAL B 59 -22.86 -8.68 -3.24
C VAL B 59 -22.98 -8.45 -1.75
N ALA B 60 -22.50 -9.40 -0.96
CA ALA B 60 -22.46 -9.26 0.50
C ALA B 60 -21.43 -10.22 1.11
N ALA B 61 -21.06 -9.94 2.35
CA ALA B 61 -20.20 -10.83 3.14
C ALA B 61 -20.55 -10.67 4.61
N HIS B 62 -20.84 -11.79 5.26
CA HIS B 62 -21.22 -11.77 6.67
C HIS B 62 -20.72 -13.02 7.34
N GLY B 63 -20.06 -12.88 8.48
CA GLY B 63 -19.40 -14.00 9.15
C GLY B 63 -18.48 -14.74 8.20
N ALA B 64 -18.61 -16.07 8.15
CA ALA B 64 -17.78 -16.91 7.26
C ALA B 64 -18.31 -17.02 5.82
N TRP B 65 -19.37 -16.26 5.51
CA TRP B 65 -20.10 -16.44 4.25
C TRP B 65 -20.07 -15.27 3.33
N LEU B 66 -19.87 -15.55 2.04
CA LEU B 66 -20.01 -14.58 0.97
C LEU B 66 -21.32 -14.82 0.24
N THR B 67 -21.96 -13.73 -0.18
CA THR B 67 -23.10 -13.82 -1.08
C THR B 67 -22.61 -13.50 -2.51
N LEU B 68 -22.65 -14.50 -3.39
CA LEU B 68 -22.17 -14.37 -4.75
C LEU B 68 -23.33 -14.50 -5.73
N ILE B 69 -23.19 -13.94 -6.92
CA ILE B 69 -24.23 -14.03 -7.95
C ILE B 69 -23.89 -15.17 -8.90
N ARG B 70 -24.85 -16.08 -9.05
CA ARG B 70 -24.67 -17.27 -9.83
C ARG B 70 -25.99 -17.49 -10.54
N ASP B 71 -25.96 -17.58 -11.86
CA ASP B 71 -27.19 -17.70 -12.65
C ASP B 71 -28.11 -16.50 -12.36
N GLY B 72 -27.51 -15.34 -12.15
CA GLY B 72 -28.25 -14.11 -11.84
C GLY B 72 -28.84 -14.06 -10.44
N GLN B 73 -28.58 -15.07 -9.61
CA GLN B 73 -29.17 -15.16 -8.27
C GLN B 73 -28.13 -15.17 -7.14
N PRO B 74 -28.49 -14.57 -5.98
CA PRO B 74 -27.55 -14.54 -4.87
C PRO B 74 -27.51 -15.87 -4.11
N ILE B 75 -26.31 -16.36 -3.85
CA ILE B 75 -26.13 -17.59 -3.09
C ILE B 75 -25.04 -17.39 -2.04
N GLU B 76 -25.24 -17.98 -0.86
CA GLU B 76 -24.27 -17.87 0.20
C GLU B 76 -23.28 -19.03 0.15
N VAL B 77 -21.99 -18.69 0.14
CA VAL B 77 -20.94 -19.69 0.12
C VAL B 77 -19.87 -19.39 1.17
N LEU B 78 -19.22 -20.45 1.65
CA LEU B 78 -18.19 -20.31 2.66
C LEU B 78 -16.94 -19.71 2.04
N ASP B 79 -16.39 -18.72 2.72
CA ASP B 79 -15.14 -18.09 2.29
C ASP B 79 -14.00 -18.95 2.84
N ALA B 80 -13.74 -20.07 2.18
CA ALA B 80 -12.72 -21.04 2.60
C ALA B 80 -11.33 -20.43 2.57
N MET B 81 -11.19 -19.36 1.80
CA MET B 81 -9.88 -18.72 1.60
C MET B 81 -9.66 -17.60 2.60
N SER B 82 -10.65 -17.36 3.45
CA SER B 82 -10.68 -16.16 4.29
C SER B 82 -10.44 -14.89 3.46
N SER B 83 -10.91 -14.88 2.20
CA SER B 83 -10.68 -13.76 1.29
C SER B 83 -9.18 -13.45 1.26
N TRP B 84 -8.40 -14.46 0.90
CA TRP B 84 -6.94 -14.34 0.79
C TRP B 84 -6.29 -14.03 2.13
N TRP B 85 -6.56 -14.91 3.10
CA TRP B 85 -5.98 -14.89 4.47
C TRP B 85 -6.48 -13.81 5.41
N THR B 86 -7.35 -12.92 4.95
CA THR B 86 -7.64 -11.70 5.70
C THR B 86 -8.73 -11.84 6.80
N ALA B 87 -9.80 -12.56 6.48
CA ALA B 87 -11.03 -12.56 7.29
C ALA B 87 -11.00 -13.54 8.47
N ILE B 88 -10.05 -13.37 9.38
CA ILE B 88 -9.86 -14.34 10.47
C ILE B 88 -11.03 -14.40 11.46
N HIS B 89 -11.72 -13.28 11.66
CA HIS B 89 -12.90 -13.25 12.53
C HIS B 89 -14.17 -13.30 11.75
N GLY B 90 -14.05 -13.56 10.45
CA GLY B 90 -15.18 -13.51 9.53
C GLY B 90 -15.50 -12.07 9.16
N HIS B 91 -16.38 -11.89 8.18
CA HIS B 91 -16.79 -10.56 7.73
C HIS B 91 -17.87 -10.01 8.62
N GLY B 92 -17.90 -8.68 8.74
CA GLY B 92 -18.92 -7.98 9.52
C GLY B 92 -19.10 -8.48 10.93
N HIS B 93 -18.00 -8.75 11.63
CA HIS B 93 -18.04 -9.07 13.06
C HIS B 93 -18.52 -7.85 13.78
N PRO B 94 -19.52 -8.00 14.67
CA PRO B 94 -20.10 -6.81 15.32
C PRO B 94 -19.10 -5.98 16.12
N ALA B 95 -18.15 -6.63 16.81
CA ALA B 95 -17.15 -5.88 17.57
C ALA B 95 -16.25 -5.04 16.65
N LEU B 96 -15.98 -5.57 15.46
CA LEU B 96 -15.09 -4.91 14.53
C LEU B 96 -15.83 -3.81 13.76
N ASP B 97 -17.05 -4.10 13.32
CA ASP B 97 -17.94 -3.06 12.78
C ASP B 97 -18.09 -1.89 13.75
N GLN B 98 -18.31 -2.21 15.02
CA GLN B 98 -18.49 -1.21 16.07
C GLN B 98 -17.23 -0.36 16.24
N ALA B 99 -16.08 -1.02 16.29
CA ALA B 99 -14.80 -0.32 16.44
C ALA B 99 -14.61 0.73 15.34
N LEU B 100 -14.90 0.33 14.10
CA LEU B 100 -14.77 1.22 12.94
C LEU B 100 -15.74 2.39 13.04
N THR B 101 -17.00 2.09 13.34
CA THR B 101 -18.02 3.14 13.43
CA THR B 101 -18.05 3.11 13.45
C THR B 101 -17.77 4.12 14.56
N THR B 102 -17.27 3.65 15.71
CA THR B 102 -16.94 4.51 16.85
CA THR B 102 -17.02 4.61 16.79
C THR B 102 -15.81 5.46 16.47
N GLN B 103 -14.79 4.89 15.81
CA GLN B 103 -13.67 5.71 15.37
C GLN B 103 -14.10 6.72 14.33
N LEU B 104 -14.97 6.32 13.42
CA LEU B 104 -15.47 7.20 12.37
C LEU B 104 -16.13 8.47 12.95
N ARG B 105 -16.75 8.36 14.12
CA ARG B 105 -17.45 9.48 14.73
C ARG B 105 -16.53 10.49 15.38
N VAL B 106 -15.29 10.06 15.64
CA VAL B 106 -14.30 10.85 16.36
CA VAL B 106 -14.35 10.91 16.34
C VAL B 106 -13.26 11.45 15.39
N MET B 107 -12.67 10.58 14.58
CA MET B 107 -11.56 10.99 13.69
C MET B 107 -11.28 9.95 12.60
N ASN B 108 -11.57 10.30 11.35
CA ASN B 108 -11.32 9.35 10.24
C ASN B 108 -9.83 9.10 9.98
N HIS B 109 -9.07 10.18 9.95
CA HIS B 109 -7.67 10.15 9.57
C HIS B 109 -7.08 11.49 9.87
N VAL B 110 -5.82 11.48 10.28
CA VAL B 110 -5.00 12.68 10.31
C VAL B 110 -3.64 12.24 9.79
N MET B 111 -2.87 13.17 9.23
CA MET B 111 -1.51 12.83 8.85
C MET B 111 -0.67 12.42 10.07
N PHE B 112 0.21 11.44 9.87
CA PHE B 112 1.02 10.92 10.94
C PHE B 112 2.34 11.70 11.03
N GLY B 113 2.54 12.62 10.10
CA GLY B 113 3.66 13.54 10.14
C GLY B 113 3.35 14.64 11.15
N GLY B 114 3.93 14.52 12.35
CA GLY B 114 3.82 15.55 13.37
C GLY B 114 2.67 15.39 14.34
N LEU B 115 1.85 14.38 14.09
CA LEU B 115 0.71 14.06 14.93
C LEU B 115 0.73 12.60 15.30
N THR B 116 0.13 12.27 16.44
CA THR B 116 -0.09 10.90 16.85
C THR B 116 -1.51 10.80 17.38
N HIS B 117 -1.94 9.59 17.67
CA HIS B 117 -3.31 9.39 18.11
C HIS B 117 -3.47 8.09 18.81
N GLU B 118 -4.59 7.96 19.52
CA GLU B 118 -4.88 6.81 20.35
C GLU B 118 -4.89 5.47 19.60
N PRO B 119 -5.57 5.39 18.44
CA PRO B 119 -5.54 4.11 17.72
C PRO B 119 -4.14 3.60 17.41
N ALA B 120 -3.27 4.49 16.90
CA ALA B 120 -1.89 4.09 16.60
C ALA B 120 -1.14 3.63 17.85
N ALA B 121 -1.27 4.38 18.95
CA ALA B 121 -0.57 4.04 20.20
C ALA B 121 -1.08 2.73 20.77
N ARG B 122 -2.41 2.60 20.81
CA ARG B 122 -3.04 1.37 21.27
C ARG B 122 -2.58 0.16 20.44
N LEU B 123 -2.58 0.30 19.12
CA LEU B 123 -2.16 -0.82 18.27
C LEU B 123 -0.68 -1.15 18.43
N ALA B 124 0.18 -0.14 18.46
CA ALA B 124 1.61 -0.38 18.57
C ALA B 124 1.94 -1.07 19.90
N LYS B 125 1.29 -0.64 20.98
CA LYS B 125 1.52 -1.25 22.32
C LYS B 125 1.16 -2.73 22.29
N LEU B 126 0.00 -3.01 21.70
CA LEU B 126 -0.49 -4.39 21.55
CA LEU B 126 -0.49 -4.37 21.54
C LEU B 126 0.48 -5.23 20.73
N LEU B 127 0.89 -4.71 19.57
CA LEU B 127 1.78 -5.45 18.67
C LEU B 127 3.15 -5.73 19.28
N VAL B 128 3.73 -4.77 19.99
CA VAL B 128 5.02 -4.98 20.66
CA VAL B 128 5.02 -5.01 20.64
C VAL B 128 4.89 -6.03 21.78
N ASP B 129 3.75 -6.05 22.45
CA ASP B 129 3.54 -6.96 23.56
C ASP B 129 3.38 -8.40 23.09
N ILE B 130 2.75 -8.61 21.93
CA ILE B 130 2.38 -9.96 21.49
C ILE B 130 3.31 -10.64 20.49
N THR B 131 4.18 -9.88 19.83
CA THR B 131 5.13 -10.43 18.88
C THR B 131 6.32 -11.05 19.61
N PRO B 132 7.12 -11.90 18.92
CA PRO B 132 8.30 -12.48 19.53
C PRO B 132 9.14 -11.44 20.27
N ALA B 133 9.66 -11.82 21.43
CA ALA B 133 10.40 -10.92 22.30
C ALA B 133 11.44 -10.09 21.54
N GLY B 134 11.56 -8.83 21.91
CA GLY B 134 12.59 -7.97 21.34
C GLY B 134 12.14 -7.00 20.25
N LEU B 135 10.97 -7.24 19.67
CA LEU B 135 10.46 -6.37 18.62
C LEU B 135 9.72 -5.19 19.25
N ASP B 136 10.41 -4.06 19.34
CA ASP B 136 10.03 -2.95 20.21
C ASP B 136 9.46 -1.74 19.48
N THR B 137 9.63 -1.69 18.16
CA THR B 137 9.15 -0.53 17.39
C THR B 137 8.29 -0.97 16.20
N VAL B 138 7.38 -0.10 15.78
CA VAL B 138 6.37 -0.46 14.79
C VAL B 138 6.25 0.64 13.74
N PHE B 139 6.45 0.24 12.48
CA PHE B 139 6.29 1.13 11.34
C PHE B 139 5.04 0.69 10.58
N PHE B 140 4.02 1.53 10.60
CA PHE B 140 2.77 1.19 9.91
C PHE B 140 2.82 1.58 8.44
N SER B 141 2.29 0.70 7.59
CA SER B 141 2.16 1.02 6.17
C SER B 141 0.82 0.47 5.68
N ASP B 142 0.58 0.55 4.38
CA ASP B 142 -0.73 0.22 3.86
C ASP B 142 -0.86 -1.13 3.16
N SER B 143 0.24 -1.88 3.04
CA SER B 143 0.17 -3.21 2.44
C SER B 143 1.39 -4.08 2.77
N GLY B 144 1.22 -5.39 2.60
CA GLY B 144 2.28 -6.35 2.86
C GLY B 144 3.52 -6.09 2.03
N SER B 145 3.34 -5.84 0.72
CA SER B 145 4.51 -5.62 -0.16
C SER B 145 5.28 -4.40 0.30
N VAL B 146 4.56 -3.33 0.65
CA VAL B 146 5.20 -2.15 1.20
C VAL B 146 5.92 -2.47 2.52
N SER B 147 5.29 -3.23 3.41
CA SER B 147 5.93 -3.55 4.68
C SER B 147 7.23 -4.32 4.48
N VAL B 148 7.26 -5.14 3.42
CA VAL B 148 8.45 -5.92 3.02
C VAL B 148 9.56 -4.99 2.50
N GLU B 149 9.18 -4.00 1.70
CA GLU B 149 10.13 -3.00 1.23
C GLU B 149 10.65 -2.18 2.40
N VAL B 150 9.78 -1.89 3.37
CA VAL B 150 10.18 -1.19 4.60
C VAL B 150 11.19 -2.04 5.39
N ALA B 151 10.92 -3.35 5.46
CA ALA B 151 11.80 -4.28 6.16
C ALA B 151 13.18 -4.31 5.52
N ALA B 152 13.21 -4.37 4.18
CA ALA B 152 14.47 -4.35 3.43
C ALA B 152 15.16 -3.04 3.65
N LYS B 153 14.39 -1.95 3.60
CA LYS B 153 14.94 -0.62 3.84
C LYS B 153 15.55 -0.52 5.23
N MET B 154 14.86 -1.07 6.23
CA MET B 154 15.40 -1.09 7.58
C MET B 154 16.72 -1.85 7.60
N ALA B 155 16.76 -3.01 6.96
CA ALA B 155 17.96 -3.85 6.93
C ALA B 155 19.12 -3.15 6.23
N LEU B 156 18.84 -2.55 5.08
CA LEU B 156 19.89 -1.86 4.32
C LEU B 156 20.38 -0.63 5.06
N GLN B 157 19.45 0.17 5.60
CA GLN B 157 19.81 1.34 6.40
C GLN B 157 20.56 0.94 7.69
N TYR B 158 20.19 -0.20 8.26
CA TYR B 158 20.89 -0.71 9.45
C TYR B 158 22.38 -0.89 9.17
N TRP B 159 22.72 -1.64 8.12
CA TRP B 159 24.13 -1.90 7.80
C TRP B 159 24.85 -0.68 7.33
N ARG B 160 24.15 0.19 6.60
CA ARG B 160 24.73 1.49 6.26
C ARG B 160 25.01 2.28 7.53
N GLY B 161 24.12 2.15 8.52
CA GLY B 161 24.34 2.73 9.85
C GLY B 161 25.48 2.07 10.63
N ARG B 162 25.90 0.88 10.19
CA ARG B 162 27.03 0.17 10.82
C ARG B 162 28.31 0.33 9.96
N GLY B 163 28.25 1.17 8.94
CA GLY B 163 29.39 1.36 8.04
C GLY B 163 29.71 0.16 7.16
N LEU B 164 28.66 -0.56 6.74
CA LEU B 164 28.85 -1.72 5.88
C LEU B 164 27.84 -1.71 4.72
N PRO B 165 27.94 -0.70 3.82
CA PRO B 165 26.99 -0.59 2.69
C PRO B 165 27.07 -1.75 1.69
N GLY B 166 28.11 -2.57 1.79
CA GLY B 166 28.25 -3.73 0.92
C GLY B 166 27.18 -4.77 1.24
N LYS B 167 26.67 -4.74 2.47
CA LYS B 167 25.65 -5.68 2.90
C LYS B 167 24.32 -5.13 2.44
N ARG B 168 23.96 -5.48 1.21
CA ARG B 168 22.81 -4.89 0.53
C ARG B 168 21.99 -5.92 -0.22
N ARG B 169 22.47 -7.16 -0.26
CA ARG B 169 21.76 -8.21 -0.97
C ARG B 169 20.92 -8.95 0.05
N LEU B 170 19.93 -9.68 -0.44
CA LEU B 170 19.09 -10.48 0.44
C LEU B 170 19.29 -11.93 0.09
N MET B 171 19.11 -12.78 1.10
CA MET B 171 19.14 -14.20 0.89
C MET B 171 17.81 -14.80 1.36
N THR B 172 17.36 -15.79 0.61
CA THR B 172 16.19 -16.52 1.03
C THR B 172 16.33 -17.94 0.51
N TRP B 173 15.39 -18.80 0.89
CA TRP B 173 15.28 -20.10 0.27
C TRP B 173 14.23 -20.04 -0.78
N ARG B 174 14.28 -20.96 -1.75
CA ARG B 174 13.29 -20.99 -2.82
C ARG B 174 11.92 -21.35 -2.26
N GLY B 175 10.89 -21.11 -3.06
CA GLY B 175 9.52 -21.43 -2.69
C GLY B 175 8.77 -20.30 -2.00
N GLY B 176 9.42 -19.15 -1.86
CA GLY B 176 8.87 -18.07 -1.06
C GLY B 176 8.05 -17.07 -1.85
N TYR B 177 7.24 -16.29 -1.14
CA TYR B 177 6.54 -15.15 -1.73
C TYR B 177 6.59 -14.02 -0.73
N HIS B 178 6.85 -12.82 -1.22
CA HIS B 178 6.97 -11.64 -0.36
C HIS B 178 6.31 -10.42 -0.93
N GLY B 179 5.57 -10.58 -2.03
CA GLY B 179 4.82 -9.46 -2.58
C GLY B 179 5.21 -9.11 -4.00
N ASP B 180 4.61 -8.03 -4.51
CA ASP B 180 4.60 -7.72 -5.95
C ASP B 180 5.35 -6.45 -6.36
N THR B 181 5.70 -5.61 -5.40
CA THR B 181 6.56 -4.47 -5.68
C THR B 181 7.92 -5.03 -6.10
N PHE B 182 8.71 -4.25 -6.81
CA PHE B 182 9.89 -4.79 -7.49
C PHE B 182 10.97 -5.38 -6.57
N LEU B 183 11.19 -4.83 -5.39
CA LEU B 183 12.13 -5.43 -4.45
CA LEU B 183 12.12 -5.43 -4.45
C LEU B 183 11.54 -6.72 -3.88
N ALA B 184 10.27 -6.68 -3.49
CA ALA B 184 9.60 -7.87 -3.01
C ALA B 184 9.67 -9.02 -4.03
N MET B 185 9.50 -8.68 -5.32
CA MET B 185 9.58 -9.66 -6.40
C MET B 185 10.92 -10.38 -6.43
N SER B 186 12.00 -9.65 -6.13
CA SER B 186 13.36 -10.20 -6.21
C SER B 186 13.66 -11.37 -5.24
N ILE B 187 12.88 -11.49 -4.18
CA ILE B 187 13.05 -12.59 -3.22
C ILE B 187 11.91 -13.60 -3.28
N CYS B 188 10.98 -13.40 -4.21
CA CYS B 188 9.95 -14.39 -4.47
C CYS B 188 10.62 -15.56 -5.20
N ASP B 189 10.01 -16.74 -5.09
CA ASP B 189 10.47 -17.90 -5.83
C ASP B 189 10.67 -17.56 -7.32
N PRO B 190 11.85 -17.92 -7.89
CA PRO B 190 12.10 -17.60 -9.30
C PRO B 190 11.10 -18.17 -10.31
N HIS B 191 10.52 -19.33 -10.03
CA HIS B 191 9.47 -19.88 -10.92
C HIS B 191 8.13 -19.26 -10.69
N GLY B 192 7.64 -19.30 -9.46
CA GLY B 192 6.37 -18.67 -9.10
C GLY B 192 6.37 -17.22 -9.53
N GLY B 193 7.51 -16.56 -9.32
CA GLY B 193 7.64 -15.14 -9.62
C GLY B 193 7.92 -14.78 -11.07
N MET B 194 8.04 -15.81 -11.92
CA MET B 194 8.29 -15.61 -13.37
C MET B 194 9.52 -14.74 -13.60
N HIS B 195 10.60 -15.04 -12.88
CA HIS B 195 11.82 -14.23 -12.97
C HIS B 195 12.38 -14.18 -14.38
N SER B 196 12.13 -15.22 -15.18
CA SER B 196 12.62 -15.25 -16.57
C SER B 196 11.95 -14.21 -17.46
N LEU B 197 10.84 -13.64 -17.02
CA LEU B 197 10.20 -12.57 -17.77
C LEU B 197 10.71 -11.21 -17.32
N TRP B 198 11.56 -11.23 -16.28
CA TRP B 198 12.09 -10.03 -15.68
C TRP B 198 13.59 -9.98 -15.77
N THR B 199 14.15 -10.75 -16.69
CA THR B 199 15.58 -10.74 -16.98
C THR B 199 16.06 -9.31 -17.15
N ASP B 200 17.05 -8.94 -16.35
CA ASP B 200 17.72 -7.64 -16.36
C ASP B 200 17.00 -6.49 -15.65
N VAL B 201 15.89 -6.77 -14.96
CA VAL B 201 15.18 -5.70 -14.23
CA VAL B 201 15.20 -5.70 -14.22
C VAL B 201 15.20 -5.88 -12.70
N LEU B 202 15.12 -7.13 -12.23
CA LEU B 202 15.12 -7.39 -10.78
C LEU B 202 16.53 -7.44 -10.20
N ALA B 203 16.66 -7.04 -8.93
CA ALA B 203 17.88 -7.25 -8.16
C ALA B 203 18.18 -8.75 -8.12
N ALA B 204 19.46 -9.10 -8.21
CA ALA B 204 19.88 -10.49 -8.19
C ALA B 204 20.16 -10.91 -6.75
N GLN B 205 19.28 -11.75 -6.20
CA GLN B 205 19.37 -12.13 -4.80
C GLN B 205 19.94 -13.54 -4.64
N VAL B 206 20.27 -13.89 -3.40
CA VAL B 206 20.86 -15.20 -3.13
C VAL B 206 19.76 -16.19 -2.76
N PHE B 207 19.63 -17.25 -3.56
CA PHE B 207 18.64 -18.28 -3.28
C PHE B 207 19.27 -19.60 -2.85
N ALA B 208 18.87 -20.06 -1.67
CA ALA B 208 19.15 -21.39 -1.22
C ALA B 208 18.11 -22.33 -1.83
N PRO B 209 18.41 -23.65 -1.88
CA PRO B 209 17.43 -24.60 -2.39
C PRO B 209 16.15 -24.56 -1.56
N GLN B 210 15.07 -25.07 -2.14
CA GLN B 210 13.80 -25.20 -1.43
C GLN B 210 14.03 -25.83 -0.06
N VAL B 211 13.51 -25.20 0.99
CA VAL B 211 13.58 -25.78 2.33
C VAL B 211 12.66 -27.00 2.37
N PRO B 212 13.17 -28.15 2.88
CA PRO B 212 12.35 -29.37 2.92
C PRO B 212 11.31 -29.32 4.03
N ARG B 213 10.32 -30.19 3.97
CA ARG B 213 9.35 -30.31 5.04
C ARG B 213 10.03 -30.82 6.32
N ASP B 214 10.72 -31.96 6.19
CA ASP B 214 11.30 -32.64 7.34
C ASP B 214 12.65 -32.07 7.69
N TYR B 215 12.94 -32.04 8.98
CA TYR B 215 14.18 -31.45 9.46
C TYR B 215 15.40 -32.29 9.13
N ASP B 216 16.30 -31.69 8.36
CA ASP B 216 17.56 -32.31 7.98
C ASP B 216 18.68 -31.30 8.22
N PRO B 217 19.47 -31.50 9.28
CA PRO B 217 20.55 -30.57 9.62
C PRO B 217 21.55 -30.35 8.48
N ALA B 218 21.62 -31.30 7.56
CA ALA B 218 22.43 -31.15 6.36
C ALA B 218 21.97 -29.95 5.54
N TYR B 219 20.65 -29.76 5.45
CA TYR B 219 20.11 -28.61 4.73
C TYR B 219 20.58 -27.30 5.38
N SER B 220 20.48 -27.22 6.71
CA SER B 220 20.92 -26.04 7.46
C SER B 220 22.42 -25.82 7.32
N ALA B 221 23.20 -26.91 7.35
CA ALA B 221 24.65 -26.84 7.13
C ALA B 221 24.98 -26.24 5.76
N ALA B 222 24.26 -26.69 4.73
CA ALA B 222 24.45 -26.20 3.38
C ALA B 222 24.00 -24.74 3.25
N PHE B 223 22.88 -24.40 3.89
CA PHE B 223 22.38 -23.02 3.90
C PHE B 223 23.44 -22.13 4.51
N GLU B 224 24.00 -22.57 5.65
CA GLU B 224 25.05 -21.83 6.35
C GLU B 224 26.27 -21.65 5.45
N ALA B 225 26.71 -22.74 4.81
CA ALA B 225 27.89 -22.67 3.94
C ALA B 225 27.66 -21.70 2.78
N GLN B 226 26.45 -21.70 2.23
CA GLN B 226 26.14 -20.76 1.14
C GLN B 226 26.08 -19.32 1.65
N LEU B 227 25.41 -19.11 2.79
CA LEU B 227 25.37 -17.80 3.42
C LEU B 227 26.78 -17.31 3.75
N ALA B 228 27.61 -18.21 4.28
CA ALA B 228 28.98 -17.84 4.70
C ALA B 228 29.76 -17.18 3.57
N GLN B 229 29.61 -17.72 2.36
CA GLN B 229 30.38 -17.17 1.26
C GLN B 229 29.83 -15.83 0.77
N HIS B 230 28.58 -15.52 1.12
CA HIS B 230 27.97 -14.24 0.76
C HIS B 230 27.80 -13.30 1.93
N ALA B 231 28.26 -13.68 3.12
CA ALA B 231 27.90 -12.95 4.34
C ALA B 231 28.24 -11.46 4.24
N GLY B 232 29.39 -11.17 3.63
CA GLY B 232 29.87 -9.80 3.47
C GLY B 232 29.02 -8.95 2.53
N GLU B 233 28.20 -9.58 1.71
CA GLU B 233 27.32 -8.80 0.85
C GLU B 233 25.82 -8.92 1.19
N LEU B 234 25.54 -9.58 2.29
CA LEU B 234 24.15 -9.84 2.69
C LEU B 234 23.66 -8.98 3.82
N ALA B 235 22.57 -8.25 3.58
CA ALA B 235 21.94 -7.46 4.63
C ALA B 235 21.07 -8.33 5.52
N ALA B 236 20.37 -9.28 4.89
CA ALA B 236 19.38 -10.05 5.60
C ALA B 236 19.06 -11.36 4.91
N VAL B 237 18.61 -12.30 5.73
CA VAL B 237 17.85 -13.44 5.27
C VAL B 237 16.40 -13.07 5.50
N VAL B 238 15.58 -13.26 4.48
N VAL B 238 15.57 -13.31 4.50
CA VAL B 238 14.15 -13.01 4.57
CA VAL B 238 14.16 -12.99 4.58
C VAL B 238 13.45 -14.31 4.24
C VAL B 238 13.38 -14.24 4.22
N VAL B 239 12.60 -14.77 5.16
CA VAL B 239 11.83 -15.99 4.93
C VAL B 239 10.42 -15.83 5.49
N GLU B 240 9.49 -16.60 4.93
CA GLU B 240 8.24 -16.90 5.62
C GLU B 240 8.51 -18.03 6.61
N PRO B 241 8.18 -17.82 7.90
CA PRO B 241 8.44 -18.84 8.93
C PRO B 241 7.37 -19.93 8.94
N VAL B 242 7.84 -21.18 8.87
CA VAL B 242 6.99 -22.38 8.98
C VAL B 242 6.15 -22.65 7.74
N VAL B 243 5.43 -21.63 7.26
CA VAL B 243 4.56 -21.80 6.10
C VAL B 243 4.91 -20.84 4.98
N GLN B 244 5.17 -21.41 3.80
CA GLN B 244 5.34 -20.64 2.59
C GLN B 244 4.01 -20.62 1.84
N GLY B 245 3.44 -19.43 1.67
CA GLY B 245 2.11 -19.30 1.08
C GLY B 245 2.05 -19.34 -0.44
N ALA B 246 2.07 -18.17 -1.07
CA ALA B 246 1.78 -18.07 -2.50
C ALA B 246 2.79 -18.77 -3.41
N GLY B 247 3.98 -19.08 -2.88
CA GLY B 247 5.01 -19.81 -3.63
C GLY B 247 4.81 -21.31 -3.64
N GLY B 248 3.80 -21.81 -2.94
CA GLY B 248 3.47 -23.22 -3.01
C GLY B 248 2.81 -23.90 -1.83
N MET B 249 2.40 -23.12 -0.81
CA MET B 249 1.71 -23.69 0.35
C MET B 249 2.48 -24.88 0.92
N ARG B 250 3.79 -24.67 1.09
CA ARG B 250 4.70 -25.67 1.65
C ARG B 250 4.96 -25.38 3.12
N PHE B 251 5.04 -26.43 3.93
CA PHE B 251 5.36 -26.29 5.35
C PHE B 251 6.75 -26.83 5.62
N HIS B 252 7.47 -26.25 6.58
CA HIS B 252 8.78 -26.76 6.96
C HIS B 252 8.93 -26.82 8.45
N ASP B 253 9.80 -27.72 8.92
CA ASP B 253 10.02 -27.91 10.34
C ASP B 253 10.48 -26.59 10.96
N PRO B 254 9.84 -26.19 12.09
CA PRO B 254 10.22 -24.95 12.78
C PRO B 254 11.71 -24.87 13.17
N ARG B 255 12.35 -26.03 13.37
N ARG B 255 12.35 -26.02 13.38
CA ARG B 255 13.77 -26.07 13.74
CA ARG B 255 13.77 -26.05 13.76
C ARG B 255 14.68 -25.41 12.71
C ARG B 255 14.67 -25.37 12.71
N TYR B 256 14.21 -25.28 11.47
CA TYR B 256 14.97 -24.61 10.42
C TYR B 256 15.14 -23.13 10.74
N LEU B 257 14.10 -22.54 11.32
CA LEU B 257 14.12 -21.15 11.78
C LEU B 257 15.04 -20.95 12.97
N HIS B 258 15.10 -21.94 13.86
CA HIS B 258 16.05 -21.93 14.95
C HIS B 258 17.45 -21.90 14.40
N ASP B 259 17.69 -22.71 13.36
CA ASP B 259 18.97 -22.72 12.67
C ASP B 259 19.28 -21.39 12.00
N LEU B 260 18.28 -20.83 11.31
CA LEU B 260 18.45 -19.51 10.67
C LEU B 260 18.82 -18.44 11.66
N ARG B 261 18.17 -18.44 12.84
CA ARG B 261 18.48 -17.48 13.89
C ARG B 261 19.95 -17.61 14.29
N ASP B 262 20.38 -18.86 14.46
CA ASP B 262 21.74 -19.16 14.88
C ASP B 262 22.74 -18.77 13.79
N ILE B 263 22.47 -19.18 12.55
CA ILE B 263 23.30 -18.82 11.41
C ILE B 263 23.42 -17.30 11.27
N CYS B 264 22.28 -16.60 11.32
CA CYS B 264 22.27 -15.14 11.16
C CYS B 264 23.02 -14.43 12.30
N ARG B 265 22.78 -14.90 13.53
CA ARG B 265 23.53 -14.41 14.69
C ARG B 265 25.04 -14.58 14.47
N ARG B 266 25.47 -15.79 14.12
CA ARG B 266 26.89 -16.08 13.99
C ARG B 266 27.59 -15.39 12.82
N TYR B 267 26.86 -15.20 11.71
CA TYR B 267 27.46 -14.57 10.54
C TYR B 267 27.11 -13.10 10.36
N GLU B 268 26.46 -12.52 11.37
CA GLU B 268 26.06 -11.11 11.35
C GLU B 268 25.28 -10.73 10.10
N VAL B 269 24.13 -11.38 9.95
CA VAL B 269 23.17 -11.08 8.89
C VAL B 269 21.86 -10.98 9.64
N LEU B 270 21.10 -9.91 9.38
CA LEU B 270 19.80 -9.73 10.01
C LEU B 270 18.81 -10.80 9.56
N LEU B 271 17.91 -11.18 10.45
CA LEU B 271 16.88 -12.14 10.11
C LEU B 271 15.52 -11.43 10.03
N ILE B 272 14.87 -11.57 8.89
CA ILE B 272 13.55 -10.96 8.71
C ILE B 272 12.55 -12.07 8.48
N PHE B 273 11.53 -12.12 9.34
CA PHE B 273 10.42 -13.05 9.12
C PHE B 273 9.27 -12.27 8.52
N ASP B 274 8.80 -12.76 7.40
CA ASP B 274 7.65 -12.19 6.75
C ASP B 274 6.45 -12.97 7.28
N GLU B 275 5.75 -12.42 8.29
CA GLU B 275 4.56 -13.07 8.83
C GLU B 275 3.24 -12.47 8.32
N ILE B 276 3.27 -11.91 7.11
CA ILE B 276 2.09 -11.29 6.50
C ILE B 276 0.96 -12.29 6.30
N ALA B 277 1.32 -13.54 6.01
CA ALA B 277 0.34 -14.62 5.86
C ALA B 277 0.20 -15.47 7.12
N THR B 278 1.28 -15.63 7.87
CA THR B 278 1.31 -16.53 9.03
C THR B 278 0.83 -15.92 10.36
N GLY B 279 0.73 -14.60 10.44
CA GLY B 279 0.52 -13.93 11.73
C GLY B 279 -0.85 -14.15 12.35
N PHE B 280 -0.98 -13.78 13.62
CA PHE B 280 -2.26 -13.75 14.32
C PHE B 280 -2.95 -15.10 14.33
N GLY B 281 -2.18 -16.13 14.68
CA GLY B 281 -2.74 -17.43 15.06
C GLY B 281 -2.92 -18.47 13.96
N ARG B 282 -2.69 -18.07 12.72
CA ARG B 282 -3.02 -18.90 11.55
C ARG B 282 -2.33 -20.28 11.51
N THR B 283 -1.09 -20.37 11.99
CA THR B 283 -0.35 -21.63 11.98
C THR B 283 -0.43 -22.38 13.31
N GLY B 284 -1.25 -21.91 14.24
CA GLY B 284 -1.41 -22.57 15.53
C GLY B 284 -0.57 -21.98 16.66
N ALA B 285 0.25 -21.01 16.32
CA ALA B 285 0.97 -20.20 17.29
C ALA B 285 0.56 -18.76 16.98
N LEU B 286 0.70 -17.84 17.94
CA LEU B 286 0.23 -16.49 17.69
C LEU B 286 0.98 -15.91 16.47
N PHE B 287 2.28 -16.16 16.42
CA PHE B 287 3.06 -15.94 15.21
C PHE B 287 3.88 -17.19 14.97
N ALA B 288 4.10 -17.53 13.70
CA ALA B 288 4.74 -18.80 13.37
C ALA B 288 6.15 -18.94 13.94
N ALA B 289 6.84 -17.80 14.12
CA ALA B 289 8.11 -17.78 14.83
C ALA B 289 8.04 -18.46 16.20
N ASP B 290 6.87 -18.38 16.85
CA ASP B 290 6.68 -18.92 18.19
C ASP B 290 6.84 -20.45 18.24
N HIS B 291 6.60 -21.11 17.11
CA HIS B 291 6.84 -22.56 16.97
C HIS B 291 8.29 -22.91 17.18
N ALA B 292 9.17 -22.01 16.75
CA ALA B 292 10.61 -22.21 16.87
C ALA B 292 11.20 -21.53 18.12
N GLY B 293 10.40 -20.69 18.78
CA GLY B 293 10.86 -19.98 19.97
C GLY B 293 12.01 -19.03 19.69
N VAL B 294 12.00 -18.48 18.48
CA VAL B 294 13.02 -17.55 17.98
CA VAL B 294 13.03 -17.50 18.12
C VAL B 294 12.42 -16.17 17.69
N SER B 295 13.22 -15.13 17.82
CA SER B 295 12.83 -13.80 17.41
C SER B 295 13.66 -13.37 16.21
N PRO B 296 12.99 -12.85 15.16
CA PRO B 296 13.71 -12.23 14.07
C PRO B 296 14.14 -10.82 14.48
N ASP B 297 15.01 -10.20 13.71
CA ASP B 297 15.39 -8.81 13.97
C ASP B 297 14.33 -7.84 13.48
N ILE B 298 13.63 -8.26 12.43
CA ILE B 298 12.61 -7.46 11.75
C ILE B 298 11.48 -8.41 11.38
N MET B 299 10.26 -7.94 11.52
CA MET B 299 9.11 -8.77 11.23
C MET B 299 8.05 -7.98 10.49
N CYS B 300 7.43 -8.60 9.50
CA CYS B 300 6.33 -7.98 8.77
C CYS B 300 5.03 -8.69 9.11
N VAL B 301 3.96 -7.90 9.27
CA VAL B 301 2.60 -8.42 9.44
C VAL B 301 1.65 -7.67 8.54
N GLY B 302 0.51 -8.27 8.20
CA GLY B 302 -0.39 -7.57 7.31
C GLY B 302 -1.78 -8.12 7.12
N LYS B 303 -1.87 -9.26 6.45
CA LYS B 303 -3.16 -9.68 5.89
C LYS B 303 -4.31 -9.71 6.88
N ALA B 304 -4.09 -10.33 8.05
CA ALA B 304 -5.16 -10.51 9.05
C ALA B 304 -5.16 -9.40 10.11
N LEU B 305 -4.25 -8.45 9.98
CA LEU B 305 -4.05 -7.41 10.99
C LEU B 305 -5.33 -6.63 11.33
N THR B 306 -6.11 -6.27 10.32
CA THR B 306 -7.36 -5.52 10.57
C THR B 306 -8.58 -6.43 10.60
N GLY B 307 -8.34 -7.73 10.71
CA GLY B 307 -9.43 -8.72 10.56
C GLY B 307 -10.06 -8.67 9.19
N GLY B 308 -9.29 -8.25 8.19
CA GLY B 308 -9.76 -8.27 6.80
C GLY B 308 -10.71 -7.14 6.43
N TYR B 309 -10.73 -6.07 7.21
CA TYR B 309 -11.59 -4.93 6.91
C TYR B 309 -10.95 -3.98 5.92
N LEU B 310 -9.68 -3.66 6.16
CA LEU B 310 -9.00 -2.56 5.48
C LEU B 310 -7.55 -2.91 5.30
N SER B 311 -6.93 -2.31 4.29
CA SER B 311 -5.50 -2.48 4.03
CA SER B 311 -5.51 -2.51 4.04
C SER B 311 -4.71 -1.84 5.16
N LEU B 312 -3.80 -2.61 5.75
CA LEU B 312 -2.89 -2.14 6.79
C LEU B 312 -1.83 -3.22 6.96
N ALA B 313 -0.61 -2.78 7.20
CA ALA B 313 0.50 -3.68 7.46
C ALA B 313 1.42 -3.00 8.46
N ALA B 314 2.30 -3.77 9.08
CA ALA B 314 3.28 -3.21 9.98
C ALA B 314 4.59 -3.94 9.85
N THR B 315 5.67 -3.19 10.01
CA THR B 315 6.99 -3.77 10.06
C THR B 315 7.52 -3.43 11.45
N LEU B 316 7.93 -4.47 12.17
CA LEU B 316 8.50 -4.28 13.50
C LEU B 316 9.97 -4.58 13.47
N CYS B 317 10.72 -3.90 14.34
CA CYS B 317 12.12 -4.19 14.47
C CYS B 317 12.57 -4.00 15.91
N THR B 318 13.72 -4.58 16.22
CA THR B 318 14.30 -4.51 17.56
C THR B 318 14.73 -3.08 17.85
N ALA B 319 14.92 -2.79 19.13
CA ALA B 319 15.50 -1.52 19.57
C ALA B 319 16.84 -1.28 18.87
N ASP B 320 17.69 -2.32 18.82
CA ASP B 320 19.00 -2.23 18.17
C ASP B 320 18.87 -1.79 16.72
N VAL B 321 17.97 -2.41 15.96
CA VAL B 321 17.77 -2.00 14.57
C VAL B 321 17.31 -0.52 14.51
N ALA B 322 16.30 -0.16 15.30
CA ALA B 322 15.75 1.18 15.30
C ALA B 322 16.78 2.24 15.70
N HIS B 323 17.55 1.95 16.74
CA HIS B 323 18.56 2.89 17.21
C HIS B 323 19.70 3.04 16.23
N THR B 324 20.09 1.95 15.57
CA THR B 324 21.16 1.97 14.58
C THR B 324 20.79 2.78 13.34
N ILE B 325 19.58 2.55 12.83
CA ILE B 325 19.05 3.35 11.74
C ILE B 325 19.03 4.83 12.14
N SER B 326 18.47 5.11 13.32
CA SER B 326 18.26 6.50 13.79
C SER B 326 19.57 7.24 14.05
N ALA B 327 20.62 6.49 14.41
CA ALA B 327 21.95 7.06 14.69
C ALA B 327 22.85 7.13 13.45
N GLY B 328 22.40 6.53 12.35
CA GLY B 328 23.19 6.50 11.11
C GLY B 328 23.15 7.83 10.38
N ALA B 329 24.00 7.95 9.36
CA ALA B 329 24.09 9.17 8.54
C ALA B 329 22.74 9.77 8.15
N ALA B 330 21.80 8.92 7.73
CA ALA B 330 20.47 9.38 7.34
C ALA B 330 19.62 9.96 8.49
N GLY B 331 19.79 9.41 9.69
CA GLY B 331 19.11 9.91 10.89
C GLY B 331 17.64 9.54 11.04
N ALA B 332 17.12 8.81 10.06
CA ALA B 332 15.71 8.47 10.02
C ALA B 332 15.53 7.31 9.04
N LEU B 333 14.46 6.56 9.25
CA LEU B 333 14.05 5.58 8.25
C LEU B 333 13.36 6.34 7.13
N MET B 334 13.89 6.20 5.92
CA MET B 334 13.49 7.03 4.76
C MET B 334 12.24 6.48 4.08
N HIS B 335 11.13 6.49 4.81
CA HIS B 335 9.88 5.94 4.32
C HIS B 335 8.76 6.59 5.05
N GLY B 336 7.64 6.81 4.36
CA GLY B 336 6.52 7.52 4.99
C GLY B 336 5.26 7.55 4.14
N PRO B 337 4.46 6.47 4.22
CA PRO B 337 3.26 6.40 3.40
C PRO B 337 2.25 7.48 3.78
N THR B 338 1.51 7.98 2.78
CA THR B 338 0.45 8.98 3.00
C THR B 338 -0.50 8.59 4.12
N PHE B 339 -1.01 7.36 4.09
CA PHE B 339 -1.97 6.91 5.09
C PHE B 339 -1.37 6.17 6.27
N MET B 340 -0.10 6.42 6.55
CA MET B 340 0.59 5.78 7.64
C MET B 340 -0.23 5.86 8.93
N ALA B 341 -0.42 4.70 9.57
CA ALA B 341 -1.14 4.61 10.84
C ALA B 341 -2.55 5.19 10.83
N ASN B 342 -3.23 5.07 9.69
CA ASN B 342 -4.61 5.53 9.52
C ASN B 342 -5.46 5.13 10.74
N PRO B 343 -6.08 6.13 11.43
CA PRO B 343 -6.88 5.86 12.62
C PRO B 343 -7.97 4.80 12.44
N LEU B 344 -8.67 4.82 11.31
CA LEU B 344 -9.74 3.85 11.06
C LEU B 344 -9.20 2.43 10.98
N ALA B 345 -8.19 2.22 10.13
CA ALA B 345 -7.56 0.90 10.02
C ALA B 345 -6.96 0.47 11.35
N CYS B 346 -6.32 1.40 12.06
CA CYS B 346 -5.71 1.05 13.35
C CYS B 346 -6.76 0.71 14.40
N ALA B 347 -7.87 1.46 14.39
CA ALA B 347 -8.96 1.22 15.36
C ALA B 347 -9.54 -0.17 15.18
N VAL B 348 -9.79 -0.56 13.93
CA VAL B 348 -10.36 -1.87 13.68
C VAL B 348 -9.33 -2.97 14.00
N SER B 349 -8.05 -2.72 13.75
CA SER B 349 -7.00 -3.67 14.07
CA SER B 349 -7.00 -3.67 14.07
C SER B 349 -6.90 -3.93 15.57
N VAL B 350 -6.95 -2.87 16.38
CA VAL B 350 -6.94 -2.98 17.84
CA VAL B 350 -6.88 -3.07 17.82
C VAL B 350 -8.06 -3.93 18.28
N ALA B 351 -9.24 -3.66 17.77
CA ALA B 351 -10.42 -4.46 18.07
C ALA B 351 -10.20 -5.90 17.62
N SER B 352 -9.70 -6.07 16.40
CA SER B 352 -9.39 -7.41 15.87
C SER B 352 -8.37 -8.20 16.71
N VAL B 353 -7.28 -7.56 17.10
CA VAL B 353 -6.28 -8.22 17.93
C VAL B 353 -6.81 -8.52 19.33
N GLU B 354 -7.52 -7.57 19.93
CA GLU B 354 -8.12 -7.77 21.25
C GLU B 354 -9.16 -8.89 21.26
N LEU B 355 -9.93 -8.97 20.18
CA LEU B 355 -10.90 -10.04 19.98
C LEU B 355 -10.22 -11.41 19.94
N LEU B 356 -9.11 -11.48 19.21
CA LEU B 356 -8.28 -12.69 19.17
C LEU B 356 -7.70 -13.06 20.54
N LEU B 357 -7.11 -12.09 21.23
CA LEU B 357 -6.44 -12.34 22.51
C LEU B 357 -7.40 -12.59 23.67
N GLY B 358 -8.62 -12.05 23.57
CA GLY B 358 -9.62 -12.15 24.64
C GLY B 358 -10.37 -13.47 24.66
N GLN B 359 -10.10 -14.32 23.67
CA GLN B 359 -10.66 -15.66 23.59
C GLN B 359 -9.55 -16.71 23.67
N ASP B 360 -9.90 -17.98 23.80
CA ASP B 360 -8.91 -19.06 23.77
C ASP B 360 -8.61 -19.44 22.32
N TRP B 361 -7.89 -18.56 21.62
CA TRP B 361 -7.58 -18.75 20.20
C TRP B 361 -6.80 -20.01 19.93
N ARG B 362 -5.94 -20.39 20.87
CA ARG B 362 -5.07 -21.57 20.67
C ARG B 362 -5.88 -22.85 20.56
N THR B 363 -6.85 -23.02 21.46
CA THR B 363 -7.80 -24.12 21.36
C THR B 363 -8.58 -24.04 20.04
N ARG B 364 -9.03 -22.84 19.69
CA ARG B 364 -9.80 -22.63 18.46
C ARG B 364 -9.04 -23.14 17.22
N ILE B 365 -7.76 -22.79 17.12
CA ILE B 365 -6.96 -23.20 15.95
C ILE B 365 -6.65 -24.70 15.97
N THR B 366 -6.42 -25.24 17.16
CA THR B 366 -6.23 -26.69 17.32
C THR B 366 -7.46 -27.44 16.80
N GLU B 367 -8.64 -26.99 17.20
CA GLU B 367 -9.89 -27.59 16.72
C GLU B 367 -10.00 -27.48 15.21
N LEU B 368 -9.70 -26.29 14.67
CA LEU B 368 -9.71 -26.09 13.22
C LEU B 368 -8.75 -27.03 12.49
N ALA B 369 -7.52 -27.14 13.00
CA ALA B 369 -6.51 -28.03 12.42
C ALA B 369 -6.99 -29.47 12.41
N ALA B 370 -7.55 -29.90 13.54
CA ALA B 370 -8.12 -31.24 13.69
C ALA B 370 -9.25 -31.46 12.70
N GLY B 371 -10.13 -30.47 12.56
CA GLY B 371 -11.20 -30.50 11.58
C GLY B 371 -10.68 -30.63 10.15
N LEU B 372 -9.64 -29.87 9.83
CA LEU B 372 -9.04 -29.93 8.49
C LEU B 372 -8.38 -31.29 8.24
N THR B 373 -7.63 -31.76 9.24
CA THR B 373 -6.94 -33.05 9.16
C THR B 373 -7.95 -34.17 8.92
N ALA B 374 -8.97 -34.22 9.76
CA ALA B 374 -9.99 -35.27 9.68
C ALA B 374 -10.73 -35.17 8.34
N GLY B 375 -11.09 -33.96 7.95
CA GLY B 375 -11.83 -33.74 6.71
C GLY B 375 -11.06 -34.01 5.42
N LEU B 376 -9.75 -33.83 5.45
CA LEU B 376 -8.94 -34.01 4.24
C LEU B 376 -8.24 -35.36 4.16
N ASP B 377 -8.41 -36.19 5.19
CA ASP B 377 -7.72 -37.48 5.27
C ASP B 377 -8.03 -38.41 4.08
N THR B 378 -9.28 -38.42 3.61
CA THR B 378 -9.69 -39.30 2.50
C THR B 378 -9.04 -38.94 1.16
N ALA B 379 -8.58 -37.70 1.01
CA ALA B 379 -7.90 -37.28 -0.23
C ALA B 379 -6.57 -38.02 -0.46
N ARG B 380 -5.94 -38.49 0.62
CA ARG B 380 -4.69 -39.24 0.52
C ARG B 380 -4.84 -40.41 -0.46
N ALA B 381 -5.99 -41.09 -0.39
CA ALA B 381 -6.30 -42.25 -1.22
C ALA B 381 -6.55 -41.94 -2.71
N LEU B 382 -6.77 -40.67 -3.04
CA LEU B 382 -7.11 -40.29 -4.42
C LEU B 382 -5.95 -40.40 -5.41
N PRO B 383 -6.23 -40.88 -6.65
CA PRO B 383 -5.21 -41.19 -7.66
C PRO B 383 -4.33 -40.02 -8.10
N ALA B 384 -4.86 -38.80 -8.09
CA ALA B 384 -4.10 -37.63 -8.54
C ALA B 384 -3.44 -36.86 -7.38
N VAL B 385 -3.55 -37.39 -6.17
CA VAL B 385 -3.08 -36.70 -4.97
C VAL B 385 -1.71 -37.21 -4.49
N THR B 386 -0.77 -36.27 -4.36
CA THR B 386 0.60 -36.59 -3.94
C THR B 386 0.85 -36.32 -2.46
N ASP B 387 0.13 -35.36 -1.90
CA ASP B 387 0.28 -34.99 -0.50
C ASP B 387 -0.97 -34.33 0.07
N VAL B 388 -1.20 -34.55 1.36
CA VAL B 388 -2.21 -33.82 2.12
C VAL B 388 -1.52 -33.33 3.38
N ARG B 389 -1.60 -32.03 3.64
CA ARG B 389 -0.92 -31.45 4.78
C ARG B 389 -1.72 -30.32 5.41
N VAL B 390 -1.66 -30.27 6.75
CA VAL B 390 -2.37 -29.30 7.55
C VAL B 390 -1.37 -28.69 8.53
N CYS B 391 -1.52 -27.39 8.77
CA CYS B 391 -0.73 -26.68 9.76
C CYS B 391 -1.60 -25.56 10.30
N GLY B 392 -2.01 -25.67 11.56
CA GLY B 392 -2.97 -24.73 12.12
C GLY B 392 -4.23 -24.68 11.27
N ALA B 393 -4.75 -23.47 11.06
CA ALA B 393 -5.94 -23.31 10.23
C ALA B 393 -5.61 -23.18 8.75
N ILE B 394 -4.82 -24.13 8.26
CA ILE B 394 -4.42 -24.22 6.86
C ILE B 394 -4.45 -25.70 6.43
N GLY B 395 -5.15 -25.97 5.35
CA GLY B 395 -5.24 -27.33 4.80
C GLY B 395 -4.93 -27.33 3.33
N VAL B 396 -4.06 -28.26 2.90
CA VAL B 396 -3.63 -28.34 1.50
C VAL B 396 -3.74 -29.74 0.91
N ILE B 397 -4.31 -29.81 -0.28
CA ILE B 397 -4.22 -31.02 -1.10
C ILE B 397 -3.31 -30.72 -2.29
N GLU B 398 -2.19 -31.43 -2.37
CA GLU B 398 -1.31 -31.28 -3.52
C GLU B 398 -1.55 -32.40 -4.53
N CYS B 399 -1.79 -32.00 -5.79
CA CYS B 399 -2.11 -32.96 -6.85
C CYS B 399 -0.91 -33.17 -7.77
N ASP B 400 -0.96 -34.23 -8.58
CA ASP B 400 0.12 -34.60 -9.50
C ASP B 400 0.02 -33.89 -10.85
N ARG B 401 -0.92 -32.95 -10.97
CA ARG B 401 -1.15 -32.22 -12.20
C ARG B 401 -1.83 -30.88 -11.92
N PRO B 402 -1.76 -29.92 -12.87
CA PRO B 402 -2.44 -28.63 -12.68
C PRO B 402 -3.95 -28.80 -12.52
N VAL B 403 -4.54 -28.00 -11.64
CA VAL B 403 -5.98 -28.02 -11.39
C VAL B 403 -6.69 -27.08 -12.37
N ASP B 404 -7.62 -27.65 -13.14
CA ASP B 404 -8.40 -26.89 -14.12
C ASP B 404 -9.36 -25.96 -13.38
N LEU B 405 -9.06 -24.66 -13.39
CA LEU B 405 -9.87 -23.66 -12.66
C LEU B 405 -11.29 -23.51 -13.21
N ALA B 406 -11.43 -23.64 -14.53
CA ALA B 406 -12.74 -23.57 -15.17
C ALA B 406 -13.63 -24.73 -14.72
N VAL B 407 -13.00 -25.79 -14.23
CA VAL B 407 -13.69 -26.96 -13.70
C VAL B 407 -13.83 -26.86 -12.18
N ALA B 408 -12.74 -26.53 -11.50
CA ALA B 408 -12.69 -26.51 -10.03
C ALA B 408 -13.60 -25.47 -9.35
N THR B 409 -13.57 -24.24 -9.86
CA THR B 409 -14.31 -23.13 -9.26
C THR B 409 -15.82 -23.38 -9.19
N PRO B 410 -16.45 -23.72 -10.34
CA PRO B 410 -17.87 -24.05 -10.28
C PRO B 410 -18.16 -25.31 -9.46
N ALA B 411 -17.20 -26.24 -9.41
CA ALA B 411 -17.36 -27.47 -8.61
C ALA B 411 -17.47 -27.19 -7.10
N ALA B 412 -16.68 -26.26 -6.60
CA ALA B 412 -16.75 -25.89 -5.20
C ALA B 412 -17.95 -24.99 -4.93
N LEU B 413 -18.23 -24.09 -5.87
CA LEU B 413 -19.41 -23.19 -5.74
C LEU B 413 -20.68 -23.99 -5.63
N ASP B 414 -20.86 -24.92 -6.56
CA ASP B 414 -21.96 -25.88 -6.52
C ASP B 414 -22.09 -26.57 -5.15
N ARG B 415 -21.02 -26.56 -4.37
CA ARG B 415 -21.00 -27.18 -3.04
C ARG B 415 -21.03 -26.19 -1.88
N GLY B 416 -21.34 -24.92 -2.16
CA GLY B 416 -21.47 -23.91 -1.11
C GLY B 416 -20.14 -23.41 -0.57
N VAL B 417 -19.09 -23.55 -1.37
CA VAL B 417 -17.75 -23.17 -0.94
C VAL B 417 -17.06 -22.34 -2.02
N TRP B 418 -16.47 -21.22 -1.60
CA TRP B 418 -15.60 -20.44 -2.47
C TRP B 418 -14.19 -20.91 -2.23
N LEU B 419 -13.61 -21.55 -3.26
CA LEU B 419 -12.23 -22.02 -3.26
C LEU B 419 -11.50 -21.48 -4.48
N ARG B 420 -10.21 -21.19 -4.31
CA ARG B 420 -9.39 -20.67 -5.40
C ARG B 420 -8.12 -21.52 -5.49
N PRO B 421 -8.15 -22.61 -6.29
CA PRO B 421 -6.92 -23.39 -6.44
C PRO B 421 -5.93 -22.68 -7.34
N PHE B 422 -4.66 -23.02 -7.22
CA PHE B 422 -3.69 -22.62 -8.23
C PHE B 422 -2.63 -23.69 -8.43
N ARG B 423 -2.06 -23.70 -9.62
CA ARG B 423 -1.15 -24.76 -10.05
C ARG B 423 -1.76 -26.12 -9.68
N ASN B 424 -1.04 -26.95 -8.92
CA ASN B 424 -1.54 -28.26 -8.55
C ASN B 424 -2.10 -28.35 -7.13
N LEU B 425 -2.52 -27.21 -6.58
CA LEU B 425 -2.88 -27.12 -5.17
C LEU B 425 -4.34 -26.74 -4.95
N VAL B 426 -5.00 -27.50 -4.08
CA VAL B 426 -6.36 -27.17 -3.63
C VAL B 426 -6.25 -26.96 -2.14
N TYR B 427 -6.54 -25.74 -1.68
CA TYR B 427 -6.27 -25.38 -0.29
C TYR B 427 -7.27 -24.42 0.32
N ALA B 428 -7.26 -24.34 1.66
CA ALA B 428 -8.12 -23.45 2.43
C ALA B 428 -7.38 -22.83 3.62
N MET B 429 -7.73 -21.59 3.91
CA MET B 429 -7.31 -20.92 5.13
C MET B 429 -8.59 -20.29 5.68
N PRO B 430 -9.41 -21.10 6.38
CA PRO B 430 -10.76 -20.63 6.74
C PRO B 430 -10.78 -19.68 7.93
N PRO B 431 -11.83 -18.83 8.02
CA PRO B 431 -11.99 -17.97 9.19
C PRO B 431 -11.98 -18.77 10.47
N TYR B 432 -11.50 -18.18 11.55
CA TYR B 432 -11.37 -18.89 12.82
C TYR B 432 -12.75 -19.16 13.44
N ILE B 433 -13.75 -18.40 13.01
CA ILE B 433 -15.09 -18.51 13.55
C ILE B 433 -15.87 -19.67 12.91
N CYS B 434 -15.23 -20.40 12.01
CA CYS B 434 -15.89 -21.52 11.34
C CYS B 434 -16.20 -22.61 12.36
N THR B 435 -17.48 -23.00 12.39
CA THR B 435 -17.95 -24.13 13.21
C THR B 435 -17.46 -25.46 12.59
N PRO B 436 -17.52 -26.57 13.35
CA PRO B 436 -17.20 -27.89 12.78
C PRO B 436 -17.98 -28.23 11.50
N ALA B 437 -19.28 -27.92 11.48
CA ALA B 437 -20.08 -28.14 10.28
C ALA B 437 -19.50 -27.39 9.08
N GLU B 438 -19.05 -26.15 9.29
CA GLU B 438 -18.52 -25.37 8.17
C GLU B 438 -17.17 -25.91 7.65
N ILE B 439 -16.34 -26.43 8.55
CA ILE B 439 -15.07 -27.05 8.17
C ILE B 439 -15.29 -28.33 7.37
N THR B 440 -16.23 -29.16 7.84
CA THR B 440 -16.67 -30.34 7.09
C THR B 440 -17.08 -29.96 5.67
N GLN B 441 -17.89 -28.92 5.55
CA GLN B 441 -18.36 -28.43 4.25
C GLN B 441 -17.19 -27.98 3.37
N ILE B 442 -16.26 -27.22 3.94
CA ILE B 442 -15.07 -26.79 3.21
C ILE B 442 -14.20 -27.98 2.74
N THR B 443 -13.84 -28.85 3.68
CA THR B 443 -13.01 -30.01 3.37
C THR B 443 -13.67 -30.94 2.33
N SER B 444 -14.99 -31.10 2.42
CA SER B 444 -15.71 -31.94 1.46
CA SER B 444 -15.71 -31.94 1.46
C SER B 444 -15.54 -31.42 0.04
N ALA B 445 -15.76 -30.11 -0.14
CA ALA B 445 -15.57 -29.47 -1.44
C ALA B 445 -14.14 -29.62 -1.97
N MET B 446 -13.17 -29.44 -1.09
CA MET B 446 -11.76 -29.63 -1.43
C MET B 446 -11.48 -31.05 -1.91
N VAL B 447 -11.91 -32.04 -1.13
CA VAL B 447 -11.74 -33.46 -1.49
C VAL B 447 -12.35 -33.73 -2.87
N GLU B 448 -13.51 -33.16 -3.12
CA GLU B 448 -14.23 -33.35 -4.37
C GLU B 448 -13.57 -32.70 -5.58
N VAL B 449 -12.98 -31.53 -5.37
CA VAL B 449 -12.22 -30.87 -6.44
C VAL B 449 -11.03 -31.74 -6.83
N ALA B 450 -10.39 -32.34 -5.82
CA ALA B 450 -9.26 -33.24 -6.04
C ALA B 450 -9.68 -34.50 -6.80
N ARG B 451 -10.86 -35.03 -6.46
CA ARG B 451 -11.43 -36.18 -7.17
C ARG B 451 -11.59 -35.90 -8.65
N LEU B 452 -12.12 -34.73 -8.99
CA LEU B 452 -12.31 -34.32 -10.39
C LEU B 452 -11.01 -34.07 -11.12
N VAL B 453 -9.94 -33.74 -10.37
CA VAL B 453 -8.62 -33.58 -10.97
C VAL B 453 -8.18 -34.92 -11.54
N GLY B 454 -8.32 -35.97 -10.75
CA GLY B 454 -7.95 -37.32 -11.14
C GLY B 454 -8.91 -37.91 -12.16
N SER B 455 -10.16 -37.47 -12.09
CA SER B 455 -11.21 -37.94 -13.00
C SER B 455 -11.27 -37.09 -14.25
#